data_7CEB
#
_entry.id   7CEB
#
_cell.length_a   116.520
_cell.length_b   251.310
_cell.length_c   63.250
_cell.angle_alpha   90.000
_cell.angle_beta   90.000
_cell.angle_gamma   90.000
#
_symmetry.space_group_name_H-M   'P 21 21 2'
#
loop_
_entity.id
_entity.type
_entity.pdbx_description
1 polymer 'Integrin alpha-6'
2 polymer 'Integrin beta-1'
3 polymer 'TS2/16 VH(S112C)-SARAH'
4 polymer 'TS2/16 VL-SARAH(S37C)'
5 non-polymer 'CALCIUM ION'
6 non-polymer 2-acetamido-2-deoxy-beta-D-glucopyranose
7 non-polymer 'MAGNESIUM ION'
8 water water
#
loop_
_entity_poly.entity_id
_entity_poly.type
_entity_poly.pdbx_seq_one_letter_code
_entity_poly.pdbx_strand_id
1 'polypeptide(L)'
;FNLDTREDNVIRKYGDPGSLFGFSLAMHWQLQPEDKRLLLVGAPRAEALPLQRANRTGGLYSCDITARGPCTRIEFDNDA
DPTSESKEDQWMGVTVQSQGPGGKVVTCAHRYEKRQHVNTKQESRDIFGRCYVLSQNLRIEDDMDGGDWSFCDGRLRGHE
KFGSCQQGVAATFTKDFHYIVFGAPGTYNWKGIVRVEQKNNTFFDMNIFEDGPYEVGGETEHDESLVPVPANSYLGFSLD
SGKGIVSKDEITFVSGAPRANHSGAVVLLKRDMKSAHLLPEHIFDGEGLASSFGYDVAVVDLNKDGWQDIVIGAPQYFDR
DGEVGGAVYVYMNQQGRWNNVKPIRLNGTKDSMFGIAVKNIGDINQDGYPDIAVGAPYDDLGKVFIYHGSANGINTKPTQ
VLKGISPYFGYSIAGNMDLDRNSYPDVAVGSLSDSVTIFRSRPVINIQKTITVTPNRIDLRQKTACGAPSGICLQVKSCF
EYTANPAGYNPSISIVGTLEAEKERRKSGLSSRVQFRNQGSEPKYTQELTLKRQKQKVCMEETLWLQDNIRDKLRPIPIT
ASVEIQEPSSRRRVNSLPEVLPILNSDEPKTAHIDVHFLKEGCGDDNVCNSNLKLEYKGSLENLYFQ
;
A
2 'polypeptide(L)'
;QTDENRCLKANAKSCGECIQAGPNCGWCTNSTFLQEGMPTSARCDDLEALKKKGCPPDDIENPRGSKDIKKNKNVTNRSK
GTAEKLKPEDITQIQPQQLVLRLRSGEPQTFTLKFKRAEDYPIDLYYLMDLSYSMKDDLENVKSLGTDLMNEMRRITSDF
RIGFGSFVEKTVMPYISTTPAKLRNPCTSEQNCTSPFSYKNVLSLTNKGEVFNELVGKQRISGNLDSPEGGFDAIMQVAV
CGSLIGWRNVTRLLVFSTDAGFHFAGDGKLGGIVLPNDGQCHLENNMYTMSHYYDYPSIAHLVQKLSENNIQTIFAVTEE
FQPVYKELKNLIPKSAVGTLSANSSNVIQLIIDAYNSLSSEVILENGKLSEGVTISYKSYCKNGVNGTGENGRKCSNISI
GDEVQFEISITSNKCPKKDSDSFKIRPLGFTEEVEVILQYICECEGGLENLYFQ
;
B
3 'polypeptide(L)'
;MDVKLVESGGGLVKPGGSLKLSCAASGFTFSSYTMSWVRQTPEKRLEWVATISSGGSYTYYPDSVKGRFTISRDKAKNTL
YLQMGSLKSEDTAMYYCTRIGYDEDYAMDHWGQGTSVTVCSGSDYEFLKSWTVEDLQKRLLALDPMMEQEIEEIRQKYQS
KRQPILDAIEAK
;
C
4 'polypeptide(L)'
;GSHMQIVVTQRPTTMAASPGDKIIITCSVSSIISSNYLHWYSQKPGFSPKLLIYRTSNLASGVPPRFSGSGSGTSYSLTI
GTMEAEDVATYYCQQGSDIPLTFGDGTKLDLKRGSDYEFLKSWTVEDLQKRLLALDPMMEQEIEEIRQKYQCKRQPILDA
IEAK
;
D
#
loop_
_chem_comp.id
_chem_comp.type
_chem_comp.name
_chem_comp.formula
CA non-polymer 'CALCIUM ION' 'Ca 2'
MG non-polymer 'MAGNESIUM ION' 'Mg 2'
NAG D-saccharide, beta linking 2-acetamido-2-deoxy-beta-D-glucopyranose 'C8 H15 N O6'
#
# COMPACT_ATOMS: atom_id res chain seq x y z
N PHE A 1 5.04 22.05 -24.79
CA PHE A 1 5.27 21.11 -25.88
C PHE A 1 6.74 21.10 -26.27
N ASN A 2 7.49 22.07 -25.77
CA ASN A 2 8.84 22.34 -26.24
C ASN A 2 9.94 21.84 -25.31
N LEU A 3 9.59 21.08 -24.27
CA LEU A 3 10.63 20.40 -23.51
C LEU A 3 11.16 19.25 -24.35
N ASP A 4 12.47 19.22 -24.58
CA ASP A 4 13.05 18.24 -25.48
C ASP A 4 13.16 16.90 -24.77
N THR A 5 12.34 15.93 -25.21
CA THR A 5 12.32 14.60 -24.64
C THR A 5 12.99 13.57 -25.52
N ARG A 6 13.54 13.98 -26.66
CA ARG A 6 14.40 13.11 -27.45
C ARG A 6 15.54 12.60 -26.57
N GLU A 7 15.61 11.28 -26.41
CA GLU A 7 16.53 10.71 -25.42
C GLU A 7 18.00 10.94 -25.77
N ASP A 8 18.30 11.44 -26.97
CA ASP A 8 19.62 12.02 -27.20
C ASP A 8 19.87 13.20 -26.27
N ASN A 9 18.89 14.07 -26.15
CA ASN A 9 19.06 15.36 -25.47
C ASN A 9 18.70 15.31 -24.00
N VAL A 10 18.01 14.28 -23.54
CA VAL A 10 17.62 14.21 -22.14
C VAL A 10 18.85 13.94 -21.29
N ILE A 11 19.02 14.73 -20.23
CA ILE A 11 20.13 14.57 -19.29
C ILE A 11 19.63 13.81 -18.07
N ARG A 12 20.28 12.70 -17.76
CA ARG A 12 19.98 11.92 -16.57
C ARG A 12 21.24 11.79 -15.73
N LYS A 13 21.12 12.11 -14.44
CA LYS A 13 22.19 11.95 -13.48
C LYS A 13 21.70 11.07 -12.34
N TYR A 14 22.57 10.20 -11.83
CA TYR A 14 22.19 9.20 -10.85
C TYR A 14 22.99 9.38 -9.57
N GLY A 15 22.53 8.72 -8.52
CA GLY A 15 23.19 8.74 -7.23
C GLY A 15 23.25 7.36 -6.62
N ASP A 16 23.92 7.27 -5.48
CA ASP A 16 24.10 5.98 -4.82
C ASP A 16 22.75 5.39 -4.43
N PRO A 17 22.49 4.12 -4.75
CA PRO A 17 21.19 3.52 -4.41
C PRO A 17 20.94 3.54 -2.91
N GLY A 18 19.73 3.97 -2.54
CA GLY A 18 19.32 4.08 -1.16
C GLY A 18 19.48 5.45 -0.54
N SER A 19 20.13 6.37 -1.25
CA SER A 19 20.42 7.71 -0.71
C SER A 19 19.29 8.69 -0.94
N LEU A 20 18.29 8.33 -1.74
CA LEU A 20 17.20 9.25 -2.12
C LEU A 20 17.74 10.50 -2.82
N PHE A 21 18.83 10.33 -3.57
CA PHE A 21 19.29 11.34 -4.50
C PHE A 21 18.13 11.75 -5.42
N GLY A 22 17.86 13.04 -5.47
CA GLY A 22 16.75 13.55 -6.25
C GLY A 22 15.48 13.81 -5.47
N PHE A 23 15.49 13.60 -4.16
CA PHE A 23 14.29 13.82 -3.36
C PHE A 23 13.85 15.27 -3.42
N SER A 24 14.81 16.19 -3.39
CA SER A 24 14.53 17.61 -3.43
C SER A 24 15.56 18.25 -4.34
N LEU A 25 15.13 19.23 -5.13
CA LEU A 25 16.09 19.88 -6.02
C LEU A 25 15.68 21.32 -6.27
N ALA A 26 16.68 22.15 -6.53
CA ALA A 26 16.51 23.58 -6.70
C ALA A 26 17.46 24.08 -7.77
N MET A 27 17.02 25.11 -8.49
CA MET A 27 17.85 25.77 -9.49
C MET A 27 18.64 26.88 -8.83
N HIS A 28 19.96 26.89 -9.03
CA HIS A 28 20.79 27.94 -8.45
C HIS A 28 21.61 28.63 -9.54
N TRP A 29 21.74 29.93 -9.40
CA TRP A 29 22.52 30.76 -10.32
C TRP A 29 23.70 31.35 -9.56
N GLN A 30 24.84 30.67 -9.61
CA GLN A 30 26.09 31.25 -9.15
C GLN A 30 26.58 32.29 -10.15
N LEU A 31 27.03 33.44 -9.66
CA LEU A 31 27.25 34.60 -10.51
C LEU A 31 28.69 35.09 -10.50
N GLN A 32 29.22 35.56 -9.38
CA GLN A 32 30.45 36.35 -9.52
C GLN A 32 31.78 35.63 -9.33
N PRO A 33 31.86 34.49 -8.62
CA PRO A 33 33.11 33.70 -8.75
C PRO A 33 33.29 33.23 -10.17
N GLU A 34 32.33 32.47 -10.67
CA GLU A 34 32.09 32.29 -12.10
C GLU A 34 30.57 32.33 -12.30
N ASP A 35 30.16 32.56 -13.54
CA ASP A 35 28.75 32.48 -13.91
C ASP A 35 28.46 31.02 -14.25
N LYS A 36 27.98 30.25 -13.29
CA LYS A 36 27.64 28.86 -13.50
C LYS A 36 26.18 28.63 -13.12
N ARG A 37 25.48 27.84 -13.92
CA ARG A 37 24.08 27.50 -13.69
C ARG A 37 24.01 26.07 -13.17
N LEU A 38 23.64 25.93 -11.91
CA LEU A 38 23.68 24.64 -11.25
C LEU A 38 22.28 24.15 -10.96
N LEU A 39 22.21 22.87 -10.60
CA LEU A 39 20.98 22.24 -10.13
C LEU A 39 21.32 21.54 -8.83
N LEU A 40 20.83 22.07 -7.72
CA LEU A 40 21.13 21.53 -6.41
C LEU A 40 20.20 20.37 -6.12
N VAL A 41 20.76 19.24 -5.72
CA VAL A 41 20.02 18.01 -5.50
C VAL A 41 20.20 17.58 -4.06
N GLY A 42 19.11 17.27 -3.38
CA GLY A 42 19.15 16.77 -2.02
C GLY A 42 19.08 15.25 -2.01
N ALA A 43 19.92 14.65 -1.15
CA ALA A 43 19.92 13.21 -0.93
C ALA A 43 19.83 13.00 0.57
N PRO A 44 18.61 12.89 1.12
CA PRO A 44 18.46 12.87 2.59
C PRO A 44 18.92 11.58 3.24
N ARG A 45 19.09 10.49 2.49
CA ARG A 45 19.62 9.25 3.03
C ARG A 45 21.02 8.95 2.50
N ALA A 46 21.76 9.99 2.14
CA ALA A 46 23.13 9.81 1.70
C ALA A 46 23.98 9.24 2.83
N GLU A 47 24.98 8.45 2.46
CA GLU A 47 25.84 7.84 3.47
C GLU A 47 26.58 8.93 4.25
N ALA A 48 26.73 8.69 5.55
CA ALA A 48 27.27 9.71 6.44
C ALA A 48 28.72 10.01 6.11
N LEU A 49 29.21 11.12 6.63
CA LEU A 49 30.60 11.51 6.49
C LEU A 49 31.41 10.96 7.66
N PRO A 50 32.73 10.80 7.48
CA PRO A 50 33.52 10.06 8.49
C PRO A 50 33.36 10.53 9.93
N LEU A 51 33.42 11.83 10.19
CA LEU A 51 33.40 12.28 11.57
C LEU A 51 31.99 12.51 12.10
N GLN A 52 30.97 12.43 11.25
CA GLN A 52 29.60 12.27 11.74
C GLN A 52 29.43 10.85 12.29
N ARG A 53 29.03 10.74 13.56
CA ARG A 53 28.75 9.46 14.22
C ARG A 53 27.36 8.98 13.81
N ALA A 54 27.28 8.50 12.57
CA ALA A 54 26.00 8.02 12.05
C ALA A 54 26.28 7.11 10.87
N ASN A 55 25.29 6.28 10.56
CA ASN A 55 25.38 5.43 9.37
C ASN A 55 24.97 6.20 8.12
N ARG A 56 23.91 6.99 8.20
CA ARG A 56 23.44 7.76 7.05
C ARG A 56 22.86 9.09 7.53
N THR A 57 23.37 10.20 6.99
CA THR A 57 22.95 11.53 7.40
C THR A 57 22.31 12.36 6.30
N GLY A 58 22.53 12.04 5.04
CA GLY A 58 22.01 12.92 4.01
C GLY A 58 22.96 14.06 3.69
N GLY A 59 22.87 14.54 2.45
CA GLY A 59 23.71 15.63 2.00
C GLY A 59 23.09 16.34 0.81
N LEU A 60 23.84 17.30 0.30
CA LEU A 60 23.42 18.12 -0.83
C LEU A 60 24.43 17.95 -1.95
N TYR A 61 23.94 17.80 -3.18
CA TYR A 61 24.78 17.68 -4.36
C TYR A 61 24.60 18.90 -5.26
N SER A 62 25.45 19.00 -6.27
CA SER A 62 25.43 20.13 -7.20
C SER A 62 25.83 19.62 -8.57
N CYS A 63 24.88 19.61 -9.51
CA CYS A 63 25.07 19.06 -10.85
C CYS A 63 25.26 20.20 -11.84
N ASP A 64 26.45 20.29 -12.43
CA ASP A 64 26.68 21.20 -13.54
C ASP A 64 26.43 20.43 -14.84
N ILE A 65 25.55 20.96 -15.68
CA ILE A 65 25.29 20.30 -16.95
C ILE A 65 26.39 20.62 -17.96
N THR A 66 27.08 21.76 -17.79
CA THR A 66 28.24 22.05 -18.62
C THR A 66 29.40 21.10 -18.32
N ALA A 67 29.35 20.39 -17.21
CA ALA A 67 30.40 19.47 -16.78
C ALA A 67 29.99 18.03 -17.05
N ARG A 68 30.85 17.10 -16.66
CA ARG A 68 30.79 15.73 -17.13
C ARG A 68 30.35 14.77 -16.03
N GLY A 69 29.31 14.00 -16.33
CA GLY A 69 28.91 12.87 -15.51
C GLY A 69 28.55 13.20 -14.08
N PRO A 70 29.17 12.49 -13.13
CA PRO A 70 28.67 12.48 -11.76
C PRO A 70 28.60 13.86 -11.13
N CYS A 71 27.54 14.08 -10.35
CA CYS A 71 27.41 15.26 -9.52
C CYS A 71 28.28 15.15 -8.29
N THR A 72 28.63 16.29 -7.73
CA THR A 72 29.55 16.38 -6.60
C THR A 72 28.79 16.70 -5.33
N ARG A 73 29.19 16.06 -4.24
CA ARG A 73 28.63 16.38 -2.94
C ARG A 73 29.22 17.69 -2.43
N ILE A 74 28.38 18.51 -1.79
CA ILE A 74 28.86 19.72 -1.14
C ILE A 74 29.35 19.36 0.26
N GLU A 75 30.58 19.78 0.57
CA GLU A 75 31.23 19.45 1.83
C GLU A 75 30.81 20.46 2.89
N PHE A 76 30.03 20.00 3.87
CA PHE A 76 29.66 20.81 5.03
C PHE A 76 29.02 19.89 6.06
N ASP A 77 28.88 20.42 7.27
CA ASP A 77 28.22 19.72 8.38
C ASP A 77 28.95 18.44 8.76
N ASN A 78 30.29 18.47 8.68
CA ASN A 78 31.10 17.36 9.15
C ASN A 78 31.27 17.35 10.66
N ASP A 79 30.67 18.32 11.35
CA ASP A 79 30.63 18.33 12.81
C ASP A 79 29.93 17.09 13.35
N ALA A 80 30.27 16.73 14.59
CA ALA A 80 29.54 15.72 15.35
C ALA A 80 29.99 15.72 16.80
N ASP A 81 29.04 15.80 17.73
CA ASP A 81 29.33 15.86 19.16
C ASP A 81 28.32 15.00 19.91
N PRO A 82 28.68 13.76 20.24
CA PRO A 82 27.69 12.82 20.79
C PRO A 82 27.04 13.27 22.10
N THR A 83 27.67 14.15 22.88
CA THR A 83 27.07 14.55 24.14
C THR A 83 25.90 15.51 23.96
N SER A 84 25.78 16.13 22.79
CA SER A 84 24.83 17.21 22.61
C SER A 84 23.84 16.99 21.49
N GLU A 85 24.18 16.18 20.50
CA GLU A 85 23.41 16.13 19.27
C GLU A 85 23.42 14.73 18.70
N SER A 86 22.59 14.53 17.67
CA SER A 86 22.53 13.28 16.95
C SER A 86 22.18 13.60 15.51
N LYS A 87 23.02 13.17 14.58
CA LYS A 87 22.78 13.36 13.16
C LYS A 87 22.41 12.07 12.46
N GLU A 88 22.19 10.99 13.20
CA GLU A 88 21.76 9.75 12.59
C GLU A 88 20.38 9.92 11.98
N ASP A 89 20.27 9.60 10.69
CA ASP A 89 19.00 9.68 9.97
C ASP A 89 18.40 11.09 10.07
N GLN A 90 19.26 12.10 9.93
CA GLN A 90 18.83 13.48 10.09
C GLN A 90 18.20 14.07 8.83
N TRP A 91 18.34 13.40 7.69
CA TRP A 91 17.70 13.80 6.44
C TRP A 91 18.17 15.17 5.97
N MET A 92 19.48 15.39 6.02
CA MET A 92 20.07 16.58 5.43
C MET A 92 19.76 16.61 3.94
N GLY A 93 19.29 17.75 3.45
CA GLY A 93 18.87 17.86 2.08
C GLY A 93 17.45 17.44 1.84
N VAL A 94 16.62 17.38 2.88
CA VAL A 94 15.19 17.10 2.69
C VAL A 94 14.56 18.21 1.86
N THR A 95 15.08 19.43 1.95
CA THR A 95 14.68 20.52 1.10
C THR A 95 15.92 21.34 0.75
N VAL A 96 15.85 22.03 -0.39
CA VAL A 96 16.92 22.93 -0.81
C VAL A 96 16.31 24.04 -1.63
N GLN A 97 16.74 25.27 -1.37
CA GLN A 97 16.15 26.42 -2.05
C GLN A 97 17.22 27.45 -2.39
N SER A 98 17.06 28.08 -3.55
CA SER A 98 17.87 29.20 -3.96
C SER A 98 17.22 30.49 -3.52
N GLN A 99 18.04 31.47 -3.12
CA GLN A 99 17.51 32.79 -2.83
C GLN A 99 17.26 33.57 -4.12
N GLY A 100 18.10 33.35 -5.12
CA GLY A 100 18.02 34.05 -6.38
C GLY A 100 19.35 34.00 -7.09
N PRO A 101 19.47 34.72 -8.20
CA PRO A 101 20.77 34.81 -8.88
C PRO A 101 21.82 35.44 -7.99
N GLY A 102 22.94 34.74 -7.82
CA GLY A 102 23.99 35.23 -6.95
C GLY A 102 23.60 35.31 -5.50
N GLY A 103 22.52 34.64 -5.09
CA GLY A 103 22.05 34.65 -3.73
C GLY A 103 22.53 33.45 -2.94
N LYS A 104 22.04 33.36 -1.71
CA LYS A 104 22.42 32.29 -0.80
C LYS A 104 21.54 31.06 -1.01
N VAL A 105 21.96 29.96 -0.39
CA VAL A 105 21.27 28.68 -0.51
C VAL A 105 21.00 28.12 0.88
N VAL A 106 19.76 27.70 1.13
CA VAL A 106 19.39 27.03 2.37
C VAL A 106 19.05 25.58 2.07
N THR A 107 19.63 24.68 2.87
CA THR A 107 19.22 23.28 2.94
C THR A 107 19.09 22.91 4.41
N CYS A 108 18.25 21.93 4.71
CA CYS A 108 17.89 21.61 6.08
C CYS A 108 17.86 20.10 6.32
N ALA A 109 17.97 19.74 7.60
CA ALA A 109 17.79 18.37 8.08
C ALA A 109 16.72 18.42 9.16
N HIS A 110 15.53 17.91 8.84
CA HIS A 110 14.39 18.14 9.71
C HIS A 110 14.26 17.14 10.84
N ARG A 111 15.07 16.08 10.86
CA ARG A 111 15.10 15.14 11.97
C ARG A 111 16.38 15.21 12.78
N TYR A 112 17.22 16.21 12.53
CA TYR A 112 18.35 16.49 13.41
C TYR A 112 17.86 16.70 14.84
N GLU A 113 18.52 16.05 15.79
CA GLU A 113 18.06 16.04 17.17
C GLU A 113 19.15 16.58 18.09
N LYS A 114 18.70 17.15 19.22
CA LYS A 114 19.58 17.70 20.24
C LYS A 114 19.40 16.91 21.52
N ARG A 115 20.48 16.30 22.00
CA ARG A 115 20.42 15.38 23.13
C ARG A 115 21.08 15.99 24.36
N GLN A 116 20.66 15.50 25.53
CA GLN A 116 21.18 15.94 26.82
C GLN A 116 21.26 14.74 27.76
N HIS A 117 22.22 14.78 28.68
CA HIS A 117 22.40 13.75 29.69
C HIS A 117 22.40 12.36 29.04
N VAL A 118 23.29 12.19 28.05
CA VAL A 118 23.30 10.95 27.28
C VAL A 118 23.69 9.78 28.17
N ASN A 119 23.08 8.62 27.90
CA ASN A 119 23.27 7.37 28.65
C ASN A 119 22.79 7.47 30.09
N THR A 120 22.05 8.51 30.44
CA THR A 120 21.62 8.79 31.80
C THR A 120 20.12 8.59 31.93
N LYS A 121 19.69 8.23 33.14
CA LYS A 121 18.27 8.15 33.47
C LYS A 121 17.48 9.36 32.99
N GLN A 122 18.13 10.52 32.85
CA GLN A 122 17.48 11.75 32.44
C GLN A 122 17.88 12.18 31.03
N GLU A 123 18.19 11.21 30.17
CA GLU A 123 18.52 11.51 28.78
C GLU A 123 17.33 12.13 28.08
N SER A 124 17.60 13.13 27.24
CA SER A 124 16.56 13.85 26.52
C SER A 124 16.89 13.84 25.04
N ARG A 125 15.86 13.65 24.21
CA ARG A 125 16.01 13.71 22.76
C ARG A 125 14.95 14.66 22.22
N ASP A 126 15.40 15.70 21.53
CA ASP A 126 14.51 16.72 20.97
C ASP A 126 14.80 16.84 19.48
N ILE A 127 13.76 16.64 18.67
CA ILE A 127 13.93 16.59 17.22
C ILE A 127 13.63 17.99 16.69
N PHE A 128 14.65 18.86 16.82
CA PHE A 128 14.49 20.26 16.47
C PHE A 128 14.55 20.49 14.96
N GLY A 129 15.46 19.80 14.28
CA GLY A 129 15.79 20.16 12.92
C GLY A 129 16.76 21.31 12.90
N ARG A 130 17.52 21.44 11.82
CA ARG A 130 18.48 22.53 11.69
C ARG A 130 18.72 22.80 10.22
N CYS A 131 19.15 24.02 9.92
CA CYS A 131 19.27 24.49 8.55
C CYS A 131 20.66 25.07 8.29
N TYR A 132 21.12 24.88 7.07
CA TYR A 132 22.39 25.43 6.62
C TYR A 132 22.13 26.46 5.53
N VAL A 133 22.75 27.62 5.67
CA VAL A 133 22.80 28.62 4.61
C VAL A 133 24.19 28.59 4.01
N LEU A 134 24.27 28.61 2.68
CA LEU A 134 25.53 28.63 1.98
C LEU A 134 25.59 29.83 1.06
N SER A 135 26.80 30.19 0.64
CA SER A 135 26.96 31.31 -0.26
C SER A 135 26.52 30.92 -1.67
N GLN A 136 26.54 31.90 -2.58
CA GLN A 136 26.25 31.59 -3.98
C GLN A 136 27.23 30.56 -4.50
N ASN A 137 28.49 30.64 -4.09
CA ASN A 137 29.38 29.49 -4.12
C ASN A 137 29.04 28.63 -2.91
N LEU A 138 28.87 27.33 -3.13
CA LEU A 138 28.19 26.49 -2.14
C LEU A 138 29.13 26.20 -0.97
N ARG A 139 29.33 27.23 -0.13
CA ARG A 139 30.34 27.18 0.92
C ARG A 139 29.94 28.10 2.07
N ILE A 140 30.57 27.87 3.22
CA ILE A 140 30.38 28.68 4.41
C ILE A 140 31.47 29.74 4.45
N GLU A 141 31.10 31.01 4.26
CA GLU A 141 32.11 32.08 4.36
C GLU A 141 31.63 33.33 5.09
N ASP A 142 30.57 34.00 4.62
CA ASP A 142 30.04 35.12 5.41
C ASP A 142 29.58 34.61 6.78
N ASP A 143 29.39 35.53 7.73
CA ASP A 143 29.14 35.07 9.10
C ASP A 143 27.68 34.66 9.29
N MET A 144 26.74 35.48 8.84
CA MET A 144 25.35 35.04 8.88
C MET A 144 25.17 33.85 7.95
N ASP A 145 25.89 33.89 6.82
CA ASP A 145 26.06 32.70 6.01
C ASP A 145 26.62 31.56 6.83
N GLY A 146 26.20 30.35 6.50
CA GLY A 146 26.74 29.18 7.14
C GLY A 146 26.30 29.05 8.56
N GLY A 147 26.81 28.01 9.20
CA GLY A 147 26.39 27.78 10.55
C GLY A 147 24.98 27.23 10.58
N ASP A 148 24.37 27.32 11.76
CA ASP A 148 23.14 26.60 12.03
C ASP A 148 22.01 27.53 12.45
N TRP A 149 20.83 27.17 11.98
CA TRP A 149 19.58 27.86 12.27
C TRP A 149 18.70 26.83 12.96
N SER A 150 18.45 27.03 14.24
CA SER A 150 17.66 26.09 15.03
C SER A 150 16.88 26.90 16.06
N PHE A 151 15.97 27.74 15.57
CA PHE A 151 15.27 28.70 16.44
C PHE A 151 14.52 28.00 17.57
N CYS A 152 14.14 26.74 17.37
CA CYS A 152 13.45 26.00 18.42
C CYS A 152 14.33 25.76 19.63
N ASP A 153 15.64 25.59 19.43
CA ASP A 153 16.56 25.29 20.51
C ASP A 153 16.63 26.47 21.48
N GLY A 154 16.34 26.21 22.75
CA GLY A 154 16.36 27.24 23.76
C GLY A 154 15.00 27.75 24.17
N ARG A 155 13.93 27.26 23.56
CA ARG A 155 12.56 27.64 23.90
C ARG A 155 11.89 26.48 24.64
N LEU A 156 10.73 26.78 25.21
CA LEU A 156 10.02 25.82 26.07
C LEU A 156 9.92 24.46 25.39
N ARG A 157 10.32 23.43 26.12
CA ARG A 157 10.42 22.10 25.57
C ARG A 157 9.18 21.27 25.88
N GLY A 158 9.18 20.03 25.40
CA GLY A 158 7.98 19.20 25.40
C GLY A 158 7.26 19.27 24.07
N HIS A 159 6.57 18.19 23.74
CA HIS A 159 5.89 18.14 22.44
C HIS A 159 4.75 19.15 22.36
N GLU A 160 4.29 19.67 23.49
CA GLU A 160 3.27 20.71 23.51
C GLU A 160 3.79 22.08 23.10
N LYS A 161 5.11 22.29 23.12
CA LYS A 161 5.66 23.58 22.78
C LYS A 161 6.64 23.45 21.62
N PHE A 162 7.92 23.20 21.91
CA PHE A 162 8.93 23.13 20.86
C PHE A 162 9.74 21.84 20.89
N GLY A 163 9.26 20.79 21.56
CA GLY A 163 10.08 19.60 21.73
C GLY A 163 10.28 18.83 20.45
N SER A 164 9.26 18.80 19.59
CA SER A 164 9.31 18.02 18.35
C SER A 164 9.02 18.90 17.14
N CYS A 165 9.53 20.13 17.14
CA CYS A 165 9.09 21.11 16.15
C CYS A 165 9.57 20.78 14.74
N GLN A 166 10.74 20.14 14.61
CA GLN A 166 11.21 19.61 13.33
C GLN A 166 11.36 20.70 12.27
N GLN A 167 12.01 21.79 12.64
CA GLN A 167 12.30 22.87 11.71
C GLN A 167 12.99 22.36 10.46
N GLY A 168 12.58 22.88 9.31
CA GLY A 168 13.32 22.72 8.07
C GLY A 168 12.71 21.84 7.01
N VAL A 169 11.57 21.17 7.26
CA VAL A 169 10.93 20.40 6.19
C VAL A 169 10.58 21.31 5.02
N ALA A 170 10.23 22.56 5.30
CA ALA A 170 10.03 23.57 4.29
C ALA A 170 10.85 24.80 4.67
N ALA A 171 11.44 25.43 3.66
CA ALA A 171 12.21 26.65 3.85
C ALA A 171 12.27 27.35 2.50
N THR A 172 12.28 28.68 2.54
CA THR A 172 12.33 29.44 1.31
C THR A 172 12.81 30.86 1.60
N PHE A 173 13.35 31.49 0.55
CA PHE A 173 13.70 32.89 0.59
C PHE A 173 12.63 33.70 -0.09
N THR A 174 12.34 34.87 0.46
CA THR A 174 11.59 35.88 -0.26
C THR A 174 12.46 36.43 -1.39
N LYS A 175 11.82 36.77 -2.51
CA LYS A 175 12.57 37.06 -3.72
C LYS A 175 13.24 38.43 -3.71
N ASP A 176 12.93 39.30 -2.76
CA ASP A 176 13.55 40.61 -2.67
C ASP A 176 14.82 40.61 -1.84
N PHE A 177 15.29 39.44 -1.40
CA PHE A 177 16.47 39.23 -0.57
C PHE A 177 16.30 39.78 0.84
N HIS A 178 15.07 40.04 1.28
CA HIS A 178 14.83 40.61 2.60
C HIS A 178 14.85 39.54 3.68
N TYR A 179 14.10 38.46 3.49
CA TYR A 179 13.84 37.51 4.57
C TYR A 179 14.16 36.09 4.13
N ILE A 180 14.26 35.23 5.15
CA ILE A 180 14.29 33.78 5.00
C ILE A 180 13.15 33.21 5.85
N VAL A 181 12.50 32.17 5.34
CA VAL A 181 11.27 31.66 5.95
C VAL A 181 11.46 30.18 6.28
N PHE A 182 11.05 29.78 7.48
CA PHE A 182 11.16 28.41 7.94
C PHE A 182 9.78 27.85 8.30
N GLY A 183 9.59 26.57 8.03
CA GLY A 183 8.43 25.84 8.51
C GLY A 183 8.84 24.86 9.60
N ALA A 184 8.04 24.79 10.65
CA ALA A 184 8.30 23.91 11.80
C ALA A 184 7.00 23.22 12.15
N PRO A 185 6.72 22.06 11.55
CA PRO A 185 5.37 21.48 11.66
C PRO A 185 5.06 20.81 12.98
N GLY A 186 6.05 20.55 13.82
CA GLY A 186 5.74 19.90 15.08
C GLY A 186 5.35 20.82 16.21
N THR A 187 5.44 22.13 15.98
CA THR A 187 5.29 23.10 17.06
C THR A 187 3.87 23.12 17.59
N TYR A 188 3.76 23.38 18.90
CA TYR A 188 2.47 23.56 19.58
C TYR A 188 1.56 22.36 19.38
N ASN A 189 2.09 21.17 19.67
CA ASN A 189 1.37 19.90 19.54
C ASN A 189 1.01 19.64 18.08
N TRP A 190 2.02 19.77 17.21
CA TRP A 190 1.89 19.56 15.77
C TRP A 190 0.86 20.47 15.12
N LYS A 191 0.57 21.61 15.76
CA LYS A 191 -0.09 22.70 15.05
C LYS A 191 0.77 23.16 13.88
N GLY A 192 2.04 23.42 14.16
CA GLY A 192 2.96 23.98 13.18
C GLY A 192 2.98 25.50 13.22
N ILE A 193 4.16 26.06 12.95
CA ILE A 193 4.33 27.51 12.83
C ILE A 193 5.18 27.80 11.61
N VAL A 194 5.16 29.06 11.20
CA VAL A 194 6.04 29.57 10.17
C VAL A 194 6.83 30.73 10.76
N ARG A 195 8.08 30.85 10.36
CA ARG A 195 9.04 31.75 11.00
C ARG A 195 9.74 32.58 9.92
N VAL A 196 9.62 33.89 10.01
CA VAL A 196 10.25 34.82 9.08
C VAL A 196 11.35 35.55 9.81
N GLU A 197 12.55 35.57 9.22
CA GLU A 197 13.74 36.03 9.92
C GLU A 197 14.54 36.99 9.04
N GLN A 198 15.60 37.54 9.63
CA GLN A 198 16.50 38.50 8.99
C GLN A 198 15.76 39.74 8.51
N ASP A 211 12.16 43.53 10.54
CA ASP A 211 12.68 43.84 11.86
C ASP A 211 12.14 42.87 12.91
N GLY A 212 13.03 42.03 13.45
CA GLY A 212 12.66 41.06 14.44
C GLY A 212 12.00 39.84 13.83
N PRO A 213 12.30 38.67 14.39
CA PRO A 213 11.67 37.43 13.87
C PRO A 213 10.17 37.44 14.08
N TYR A 214 9.44 37.08 13.03
CA TYR A 214 7.99 36.95 13.09
C TYR A 214 7.62 35.47 13.11
N GLU A 215 6.73 35.09 14.02
CA GLU A 215 6.25 33.73 14.11
C GLU A 215 4.73 33.71 14.22
N VAL A 216 4.19 32.51 14.16
CA VAL A 216 2.79 32.27 14.45
C VAL A 216 2.67 31.84 15.91
N GLY A 217 1.71 32.43 16.61
CA GLY A 217 1.47 32.11 18.00
C GLY A 217 2.70 32.21 18.89
N PRO A 228 -4.37 29.82 14.38
CA PRO A 228 -4.93 29.84 13.02
C PRO A 228 -5.50 28.49 12.61
N VAL A 229 -4.76 27.42 12.85
CA VAL A 229 -5.18 26.06 12.49
C VAL A 229 -5.03 25.16 13.70
N PRO A 230 -5.81 24.08 13.80
CA PRO A 230 -5.83 23.28 15.03
C PRO A 230 -4.61 22.39 15.18
N ALA A 231 -4.57 21.67 16.31
CA ALA A 231 -3.47 20.77 16.59
C ALA A 231 -3.45 19.63 15.58
N ASN A 232 -2.25 19.08 15.36
CA ASN A 232 -2.04 17.96 14.44
C ASN A 232 -2.45 18.33 13.02
N SER A 233 -1.91 19.45 12.54
CA SER A 233 -2.20 19.96 11.20
C SER A 233 -0.96 20.17 10.34
N TYR A 234 0.23 20.21 10.95
CA TYR A 234 1.49 20.27 10.21
C TYR A 234 1.63 21.55 9.39
N LEU A 235 1.26 22.69 9.99
CA LEU A 235 1.55 23.97 9.36
C LEU A 235 3.05 24.16 9.25
N GLY A 236 3.49 24.76 8.15
CA GLY A 236 4.91 24.84 7.86
C GLY A 236 5.44 23.67 7.07
N PHE A 237 4.57 22.76 6.63
CA PHE A 237 4.98 21.62 5.83
C PHE A 237 5.46 22.04 4.45
N SER A 238 4.84 23.07 3.87
CA SER A 238 5.23 23.62 2.60
C SER A 238 5.23 25.13 2.70
N LEU A 239 6.04 25.79 1.88
CA LEU A 239 6.15 27.24 1.94
C LEU A 239 6.32 27.83 0.55
N ASP A 240 5.70 29.00 0.34
CA ASP A 240 6.01 29.88 -0.77
C ASP A 240 5.68 31.30 -0.32
N SER A 241 6.10 32.26 -1.13
CA SER A 241 5.94 33.66 -0.75
C SER A 241 5.93 34.52 -2.02
N GLY A 242 5.40 35.73 -1.87
CA GLY A 242 5.41 36.65 -2.98
C GLY A 242 4.65 37.91 -2.65
N LYS A 243 5.00 38.97 -3.38
CA LYS A 243 4.19 40.17 -3.40
C LYS A 243 3.09 40.02 -4.43
N GLY A 244 1.94 40.64 -4.15
CA GLY A 244 0.80 40.56 -5.04
C GLY A 244 -0.15 39.42 -4.75
N ILE A 245 -0.09 38.84 -3.55
CA ILE A 245 -1.09 37.86 -3.14
C ILE A 245 -2.32 38.57 -2.58
N VAL A 246 -2.10 39.58 -1.76
CA VAL A 246 -3.17 40.27 -1.03
C VAL A 246 -3.03 41.76 -1.28
N SER A 247 -1.79 42.24 -1.25
CA SER A 247 -1.44 43.61 -1.60
C SER A 247 -0.31 43.56 -2.59
N LYS A 248 -0.23 44.59 -3.45
CA LYS A 248 0.70 44.50 -4.58
C LYS A 248 2.14 44.76 -4.15
N ASP A 249 2.36 45.45 -3.03
CA ASP A 249 3.71 45.58 -2.50
C ASP A 249 3.81 45.22 -1.02
N GLU A 250 2.83 44.51 -0.48
CA GLU A 250 2.98 43.81 0.78
C GLU A 250 3.31 42.35 0.51
N ILE A 251 4.23 41.80 1.27
CA ILE A 251 4.63 40.41 1.08
C ILE A 251 3.66 39.50 1.81
N THR A 252 3.37 38.36 1.21
CA THR A 252 2.49 37.36 1.79
C THR A 252 3.22 36.03 1.85
N PHE A 253 3.04 35.31 2.95
CA PHE A 253 3.67 34.02 3.15
C PHE A 253 2.63 32.92 3.03
N VAL A 254 2.87 31.99 2.09
CA VAL A 254 1.95 30.90 1.82
C VAL A 254 2.54 29.64 2.42
N SER A 255 1.79 29.00 3.32
CA SER A 255 2.21 27.76 3.96
C SER A 255 1.06 26.78 3.96
N GLY A 256 1.33 25.55 3.52
CA GLY A 256 0.35 24.49 3.59
C GLY A 256 0.38 23.76 4.93
N ALA A 257 -0.75 23.15 5.26
CA ALA A 257 -0.89 22.36 6.48
C ALA A 257 -1.69 21.12 6.12
N PRO A 258 -1.02 20.05 5.69
CA PRO A 258 -1.74 18.96 5.01
C PRO A 258 -2.62 18.12 5.92
N ARG A 259 -2.50 18.25 7.24
CA ARG A 259 -3.28 17.44 8.17
C ARG A 259 -4.47 18.17 8.76
N ALA A 260 -4.64 19.46 8.45
CA ALA A 260 -5.68 20.27 9.09
C ALA A 260 -7.06 19.66 8.92
N ASN A 261 -7.69 19.35 10.06
CA ASN A 261 -9.01 18.71 10.12
C ASN A 261 -9.06 17.40 9.32
N HIS A 262 -7.93 16.72 9.19
CA HIS A 262 -7.81 15.49 8.40
C HIS A 262 -8.08 15.70 6.92
N SER A 263 -8.08 16.94 6.46
CA SER A 263 -8.20 17.25 5.03
C SER A 263 -6.99 18.00 4.52
N GLY A 264 -6.54 19.01 5.25
CA GLY A 264 -5.50 19.89 4.77
C GLY A 264 -5.99 21.31 4.65
N ALA A 265 -5.07 22.26 4.64
CA ALA A 265 -5.40 23.67 4.48
C ALA A 265 -4.15 24.39 4.02
N VAL A 266 -4.34 25.60 3.51
CA VAL A 266 -3.24 26.49 3.15
C VAL A 266 -3.54 27.87 3.73
N VAL A 267 -2.52 28.52 4.27
CA VAL A 267 -2.69 29.75 5.02
C VAL A 267 -1.87 30.85 4.37
N LEU A 268 -2.50 32.00 4.15
CA LEU A 268 -1.80 33.20 3.71
C LEU A 268 -1.40 33.99 4.96
N LEU A 269 -0.10 34.26 5.10
CA LEU A 269 0.42 34.91 6.28
C LEU A 269 1.04 36.25 5.90
N LYS A 270 0.67 37.29 6.64
CA LYS A 270 1.28 38.61 6.56
C LYS A 270 2.05 38.85 7.85
N ARG A 271 3.08 39.69 7.78
CA ARG A 271 3.82 40.09 8.97
C ARG A 271 3.25 41.40 9.49
N ASP A 272 2.93 41.42 10.78
CA ASP A 272 2.21 42.54 11.37
C ASP A 272 3.08 43.79 11.43
N MET A 273 2.45 44.94 11.17
CA MET A 273 3.15 46.21 11.26
C MET A 273 3.88 46.37 12.59
N LYS A 274 3.15 46.20 13.70
CA LYS A 274 3.67 46.58 15.01
C LYS A 274 4.34 45.40 15.71
N SER A 275 3.69 44.23 15.72
CA SER A 275 4.16 43.11 16.52
C SER A 275 5.06 42.18 15.70
N ALA A 276 5.63 41.20 16.40
CA ALA A 276 6.43 40.15 15.77
C ALA A 276 5.60 38.87 15.65
N HIS A 277 4.52 38.97 14.89
CA HIS A 277 3.58 37.87 14.72
C HIS A 277 3.10 37.82 13.29
N LEU A 278 2.96 36.60 12.77
CA LEU A 278 2.36 36.38 11.47
C LEU A 278 0.86 36.19 11.66
N LEU A 279 0.06 37.00 10.96
CA LEU A 279 -1.38 36.90 11.09
C LEU A 279 -1.99 36.28 9.85
N PRO A 280 -3.01 35.43 10.01
CA PRO A 280 -3.62 34.76 8.85
C PRO A 280 -4.55 35.71 8.08
N GLU A 281 -4.19 35.99 6.83
CA GLU A 281 -5.06 36.82 5.99
C GLU A 281 -6.18 36.00 5.38
N HIS A 282 -5.86 34.80 4.87
CA HIS A 282 -6.88 33.90 4.33
C HIS A 282 -6.45 32.46 4.54
N ILE A 283 -7.45 31.57 4.54
CA ILE A 283 -7.25 30.14 4.75
C ILE A 283 -8.06 29.39 3.71
N PHE A 284 -7.38 28.78 2.74
CA PHE A 284 -7.98 27.72 1.94
C PHE A 284 -7.94 26.42 2.73
N ASP A 285 -8.93 25.56 2.50
CA ASP A 285 -8.89 24.22 3.06
C ASP A 285 -9.46 23.22 2.05
N GLY A 286 -8.99 21.98 2.15
CA GLY A 286 -9.33 20.97 1.17
C GLY A 286 -10.63 20.25 1.46
N GLU A 287 -11.31 19.86 0.38
CA GLU A 287 -12.57 19.14 0.51
C GLU A 287 -12.33 17.69 0.97
N GLY A 288 -11.38 17.01 0.32
CA GLY A 288 -11.27 15.57 0.50
C GLY A 288 -10.68 15.21 1.86
N LEU A 289 -11.28 14.19 2.47
CA LEU A 289 -10.72 13.64 3.69
C LEU A 289 -9.36 13.00 3.41
N ALA A 290 -8.36 13.39 4.19
CA ALA A 290 -6.99 12.88 4.07
C ALA A 290 -6.42 13.13 2.67
N SER A 291 -6.81 14.23 2.04
CA SER A 291 -6.32 14.56 0.71
C SER A 291 -4.92 15.18 0.72
N SER A 292 -4.33 15.38 1.90
CA SER A 292 -3.04 16.07 2.04
C SER A 292 -3.06 17.42 1.33
N PHE A 293 -4.20 18.09 1.36
CA PHE A 293 -4.36 19.41 0.76
C PHE A 293 -3.35 20.37 1.36
N GLY A 294 -2.40 20.85 0.55
CA GLY A 294 -1.35 21.72 1.02
C GLY A 294 0.01 21.07 1.14
N TYR A 295 0.17 19.83 0.68
CA TYR A 295 1.47 19.18 0.69
C TYR A 295 2.52 20.04 -0.02
N ASP A 296 2.13 20.66 -1.13
CA ASP A 296 2.99 21.61 -1.82
C ASP A 296 2.14 22.77 -2.31
N VAL A 297 2.70 23.98 -2.23
CA VAL A 297 2.04 25.18 -2.72
C VAL A 297 2.96 25.87 -3.72
N ALA A 298 2.35 26.66 -4.59
CA ALA A 298 3.10 27.41 -5.58
C ALA A 298 2.42 28.73 -5.84
N VAL A 299 3.20 29.80 -5.86
CA VAL A 299 2.73 31.14 -6.20
C VAL A 299 3.14 31.42 -7.64
N VAL A 300 2.16 31.77 -8.48
CA VAL A 300 2.42 32.00 -9.90
C VAL A 300 1.29 32.87 -10.44
N ASP A 301 1.65 33.85 -11.26
CA ASP A 301 0.67 34.72 -11.92
C ASP A 301 0.36 34.09 -13.28
N LEU A 302 -0.60 33.17 -13.29
CA LEU A 302 -0.84 32.36 -14.48
C LEU A 302 -1.36 33.20 -15.64
N ASN A 303 -2.19 34.21 -15.36
CA ASN A 303 -2.72 35.07 -16.41
C ASN A 303 -1.98 36.38 -16.55
N LYS A 304 -0.95 36.62 -15.73
CA LYS A 304 -0.10 37.81 -15.82
C LYS A 304 -0.90 39.09 -15.63
N ASP A 305 -1.92 39.05 -14.78
CA ASP A 305 -2.75 40.23 -14.51
C ASP A 305 -2.22 41.06 -13.35
N GLY A 306 -0.99 40.80 -12.89
CA GLY A 306 -0.40 41.54 -11.79
C GLY A 306 -0.76 41.04 -10.41
N TRP A 307 -1.69 40.11 -10.29
CA TRP A 307 -2.11 39.55 -9.01
C TRP A 307 -1.74 38.07 -8.99
N GLN A 308 -0.79 37.71 -8.14
CA GLN A 308 -0.29 36.33 -8.10
C GLN A 308 -1.39 35.37 -7.71
N ASP A 309 -1.54 34.31 -8.50
CA ASP A 309 -2.47 33.24 -8.18
C ASP A 309 -1.75 32.16 -7.36
N ILE A 310 -2.53 31.20 -6.88
CA ILE A 310 -2.02 30.23 -5.91
C ILE A 310 -2.42 28.83 -6.35
N VAL A 311 -1.42 27.97 -6.53
CA VAL A 311 -1.61 26.59 -6.96
C VAL A 311 -1.31 25.69 -5.77
N ILE A 312 -2.25 24.80 -5.44
CA ILE A 312 -2.18 23.97 -4.25
C ILE A 312 -2.40 22.52 -4.65
N GLY A 313 -1.50 21.65 -4.22
CA GLY A 313 -1.59 20.23 -4.53
C GLY A 313 -2.20 19.45 -3.38
N ALA A 314 -3.04 18.48 -3.74
CA ALA A 314 -3.66 17.55 -2.78
C ALA A 314 -3.38 16.15 -3.29
N PRO A 315 -2.23 15.57 -2.93
CA PRO A 315 -1.81 14.31 -3.57
C PRO A 315 -2.71 13.12 -3.25
N GLN A 316 -3.24 13.04 -2.03
CA GLN A 316 -4.06 11.91 -1.64
C GLN A 316 -5.54 12.15 -1.82
N TYR A 317 -5.93 13.11 -2.67
CA TYR A 317 -7.35 13.39 -2.85
C TYR A 317 -8.04 12.13 -3.37
N PHE A 318 -9.16 11.80 -2.72
CA PHE A 318 -9.89 10.57 -3.01
C PHE A 318 -11.35 10.85 -2.75
N ASP A 319 -12.21 10.51 -3.71
CA ASP A 319 -13.64 10.78 -3.59
C ASP A 319 -14.42 9.49 -3.57
N ARG A 320 -15.70 9.64 -3.20
CA ARG A 320 -16.62 8.51 -3.03
C ARG A 320 -16.60 7.57 -4.24
N ASP A 321 -16.60 8.15 -5.45
CA ASP A 321 -16.52 7.31 -6.66
C ASP A 321 -15.18 6.60 -6.73
N GLY A 322 -14.08 7.33 -6.55
CA GLY A 322 -12.78 6.71 -6.41
C GLY A 322 -12.11 6.28 -7.70
N GLU A 323 -12.15 7.12 -8.75
CA GLU A 323 -11.32 6.94 -9.93
C GLU A 323 -10.34 8.09 -10.14
N VAL A 324 -10.47 9.17 -9.37
CA VAL A 324 -9.48 10.25 -9.38
C VAL A 324 -8.51 10.02 -8.22
N GLY A 325 -7.22 10.17 -8.49
CA GLY A 325 -6.21 10.03 -7.47
C GLY A 325 -5.29 11.23 -7.38
N GLY A 326 -5.59 12.15 -6.47
CA GLY A 326 -4.80 13.36 -6.36
C GLY A 326 -5.36 14.48 -7.20
N ALA A 327 -5.16 15.71 -6.70
CA ALA A 327 -5.70 16.87 -7.39
C ALA A 327 -4.84 18.08 -7.12
N VAL A 328 -4.93 19.05 -8.02
CA VAL A 328 -4.26 20.34 -7.90
C VAL A 328 -5.32 21.43 -8.00
N TYR A 329 -5.28 22.38 -7.08
CA TYR A 329 -6.29 23.44 -6.99
C TYR A 329 -5.65 24.75 -7.44
N VAL A 330 -6.14 25.29 -8.54
CA VAL A 330 -5.65 26.55 -9.08
C VAL A 330 -6.60 27.66 -8.64
N TYR A 331 -6.16 28.47 -7.68
CA TYR A 331 -6.95 29.59 -7.18
C TYR A 331 -6.55 30.85 -7.95
N MET A 332 -7.47 31.38 -8.73
CA MET A 332 -7.22 32.59 -9.51
C MET A 332 -7.48 33.82 -8.66
N ASN A 333 -6.47 34.67 -8.54
CA ASN A 333 -6.58 35.86 -7.70
C ASN A 333 -7.58 36.85 -8.26
N GLN A 334 -8.21 37.61 -7.37
CA GLN A 334 -9.20 38.63 -7.74
C GLN A 334 -8.89 39.89 -6.94
N GLN A 335 -7.85 40.61 -7.37
CA GLN A 335 -7.44 41.87 -6.74
C GLN A 335 -7.19 41.69 -5.24
N GLY A 336 -6.54 40.58 -4.88
CA GLY A 336 -6.18 40.33 -3.50
C GLY A 336 -7.32 39.86 -2.61
N ARG A 337 -8.47 39.53 -3.18
CA ARG A 337 -9.64 39.09 -2.42
C ARG A 337 -9.93 37.63 -2.78
N TRP A 338 -9.91 36.76 -1.78
CA TRP A 338 -9.90 35.32 -2.00
C TRP A 338 -11.18 34.60 -1.63
N ASN A 339 -12.04 35.20 -0.82
CA ASN A 339 -13.23 34.50 -0.34
C ASN A 339 -14.16 34.11 -1.47
N ASN A 340 -14.27 34.95 -2.51
CA ASN A 340 -15.13 34.64 -3.64
C ASN A 340 -14.46 33.75 -4.68
N VAL A 341 -13.18 33.45 -4.52
CA VAL A 341 -12.45 32.69 -5.53
C VAL A 341 -12.85 31.22 -5.44
N LYS A 342 -13.32 30.67 -6.55
CA LYS A 342 -13.57 29.25 -6.79
C LYS A 342 -12.40 28.66 -7.56
N PRO A 343 -11.94 27.47 -7.19
CA PRO A 343 -10.71 26.94 -7.80
C PRO A 343 -10.97 26.05 -9.00
N ILE A 344 -10.10 26.18 -10.00
CA ILE A 344 -9.99 25.18 -11.06
C ILE A 344 -9.24 23.99 -10.50
N ARG A 345 -9.83 22.80 -10.60
CA ARG A 345 -9.24 21.60 -10.03
C ARG A 345 -8.82 20.65 -11.14
N LEU A 346 -7.51 20.46 -11.28
CA LEU A 346 -6.98 19.39 -12.11
C LEU A 346 -7.03 18.08 -11.33
N ASN A 347 -7.57 17.05 -11.94
CA ASN A 347 -7.66 15.74 -11.31
C ASN A 347 -6.58 14.82 -11.87
N GLY A 348 -6.15 13.87 -11.06
CA GLY A 348 -5.16 12.89 -11.47
C GLY A 348 -5.77 11.51 -11.62
N THR A 349 -5.03 10.63 -12.29
CA THR A 349 -5.50 9.26 -12.49
C THR A 349 -5.44 8.49 -11.17
N LYS A 350 -5.97 7.26 -11.21
CA LYS A 350 -6.24 6.51 -9.99
C LYS A 350 -4.97 6.29 -9.17
N ASP A 351 -5.02 6.68 -7.89
CA ASP A 351 -3.88 6.66 -6.96
C ASP A 351 -2.58 6.92 -7.73
N SER A 352 -2.42 8.16 -8.16
CA SER A 352 -1.24 8.57 -8.90
C SER A 352 -0.39 9.57 -8.14
N MET A 353 -0.84 10.02 -6.97
CA MET A 353 -0.16 11.06 -6.20
C MET A 353 0.01 12.35 -7.00
N PHE A 354 -0.90 12.55 -7.96
CA PHE A 354 -0.96 13.78 -8.75
C PHE A 354 -1.05 14.99 -7.84
N GLY A 355 -0.03 15.83 -7.89
CA GLY A 355 -0.03 17.07 -7.12
C GLY A 355 0.90 17.09 -5.92
N ILE A 356 1.68 16.04 -5.69
CA ILE A 356 2.64 16.07 -4.59
C ILE A 356 3.71 17.13 -4.81
N ALA A 357 3.92 17.54 -6.06
CA ALA A 357 4.86 18.60 -6.40
C ALA A 357 4.20 19.52 -7.42
N VAL A 358 4.04 20.79 -7.05
CA VAL A 358 3.52 21.81 -7.94
C VAL A 358 4.55 22.94 -7.98
N LYS A 359 5.01 23.31 -9.17
CA LYS A 359 6.09 24.26 -9.30
C LYS A 359 5.79 25.28 -10.38
N ASN A 360 6.06 26.54 -10.06
CA ASN A 360 6.13 27.60 -11.05
C ASN A 360 7.40 27.42 -11.88
N ILE A 361 7.26 26.95 -13.11
CA ILE A 361 8.41 26.67 -13.97
C ILE A 361 8.74 27.86 -14.87
N GLY A 362 8.14 29.01 -14.63
CA GLY A 362 8.38 30.12 -15.53
C GLY A 362 7.64 29.94 -16.86
N ASP A 363 8.16 30.59 -17.88
CA ASP A 363 7.56 30.64 -19.21
C ASP A 363 8.43 29.83 -20.17
N ILE A 364 8.14 28.53 -20.28
CA ILE A 364 9.02 27.63 -21.02
C ILE A 364 8.84 27.75 -22.54
N ASN A 365 7.72 28.28 -23.02
CA ASN A 365 7.55 28.52 -24.45
C ASN A 365 7.62 29.99 -24.80
N GLN A 366 7.88 30.86 -23.81
CA GLN A 366 8.06 32.29 -24.00
C GLN A 366 6.90 32.90 -24.80
N ASP A 367 5.69 32.62 -24.34
CA ASP A 367 4.51 33.29 -24.87
C ASP A 367 4.06 34.46 -23.99
N GLY A 368 4.69 34.65 -22.83
CA GLY A 368 4.39 35.77 -21.96
C GLY A 368 3.64 35.42 -20.70
N TYR A 369 3.30 34.14 -20.49
CA TYR A 369 2.54 33.72 -19.33
C TYR A 369 3.29 32.62 -18.60
N PRO A 370 3.45 32.72 -17.28
CA PRO A 370 4.14 31.64 -16.54
C PRO A 370 3.36 30.34 -16.61
N ASP A 371 4.10 29.24 -16.52
CA ASP A 371 3.54 27.90 -16.59
C ASP A 371 3.86 27.15 -15.31
N ILE A 372 3.19 26.00 -15.12
CA ILE A 372 3.38 25.19 -13.93
C ILE A 372 3.62 23.74 -14.34
N ALA A 373 4.28 23.00 -13.45
CA ALA A 373 4.49 21.58 -13.60
C ALA A 373 3.93 20.86 -12.38
N VAL A 374 3.31 19.70 -12.62
CA VAL A 374 2.66 18.92 -11.57
C VAL A 374 3.18 17.50 -11.62
N GLY A 375 3.69 17.00 -10.49
CA GLY A 375 4.24 15.66 -10.42
C GLY A 375 3.18 14.64 -10.01
N ALA A 376 3.28 13.44 -10.58
CA ALA A 376 2.36 12.36 -10.31
C ALA A 376 3.15 11.06 -10.24
N PRO A 377 3.85 10.83 -9.12
CA PRO A 377 4.87 9.77 -9.10
C PRO A 377 4.33 8.34 -9.25
N TYR A 378 3.06 8.08 -8.98
CA TYR A 378 2.53 6.72 -9.12
C TYR A 378 1.70 6.55 -10.38
N ASP A 379 1.83 7.45 -11.36
CA ASP A 379 1.21 7.26 -12.66
C ASP A 379 2.13 6.34 -13.47
N ASP A 380 1.87 5.04 -13.36
CA ASP A 380 2.79 3.98 -13.80
C ASP A 380 4.12 4.24 -13.10
N LEU A 381 5.22 4.46 -13.82
CA LEU A 381 6.51 4.73 -13.19
C LEU A 381 6.66 6.17 -12.75
N GLY A 382 5.72 7.04 -13.09
CA GLY A 382 5.80 8.45 -12.74
C GLY A 382 5.66 9.35 -13.94
N LYS A 383 4.93 10.44 -13.78
CA LYS A 383 4.71 11.40 -14.86
C LYS A 383 4.71 12.81 -14.28
N VAL A 384 5.12 13.77 -15.11
CA VAL A 384 5.06 15.19 -14.77
C VAL A 384 4.23 15.88 -15.84
N PHE A 385 3.14 16.52 -15.42
CA PHE A 385 2.25 17.22 -16.32
C PHE A 385 2.63 18.69 -16.39
N ILE A 386 2.70 19.23 -17.60
CA ILE A 386 3.05 20.63 -17.82
C ILE A 386 1.78 21.36 -18.24
N TYR A 387 1.44 22.43 -17.52
CA TYR A 387 0.24 23.20 -17.77
C TYR A 387 0.61 24.63 -18.15
N HIS A 388 -0.08 25.15 -19.16
CA HIS A 388 0.26 26.43 -19.77
C HIS A 388 -0.51 27.57 -19.10
N GLY A 389 0.18 28.69 -18.91
CA GLY A 389 -0.50 29.92 -18.55
C GLY A 389 -1.16 30.54 -19.76
N SER A 390 -2.24 31.28 -19.52
CA SER A 390 -3.02 31.90 -20.58
C SER A 390 -3.58 33.21 -20.08
N ALA A 391 -4.09 34.02 -21.01
CA ALA A 391 -4.76 35.26 -20.62
C ALA A 391 -6.03 34.97 -19.84
N ASN A 392 -6.64 33.80 -20.05
CA ASN A 392 -7.83 33.38 -19.34
C ASN A 392 -7.52 32.52 -18.12
N GLY A 393 -6.30 32.59 -17.61
CA GLY A 393 -5.90 31.72 -16.51
C GLY A 393 -5.14 30.51 -16.98
N ILE A 394 -5.36 29.37 -16.35
CA ILE A 394 -4.62 28.16 -16.68
C ILE A 394 -5.35 27.40 -17.78
N ASN A 395 -4.57 26.75 -18.63
CA ASN A 395 -5.08 25.87 -19.69
C ASN A 395 -5.14 24.46 -19.12
N THR A 396 -6.36 23.95 -18.91
CA THR A 396 -6.53 22.72 -18.15
C THR A 396 -6.03 21.48 -18.88
N LYS A 397 -5.67 21.57 -20.15
CA LYS A 397 -5.19 20.39 -20.87
C LYS A 397 -3.68 20.41 -20.94
N PRO A 398 -3.00 19.40 -20.39
CA PRO A 398 -1.53 19.43 -20.31
C PRO A 398 -0.90 19.51 -21.68
N THR A 399 -0.08 20.55 -21.90
CA THR A 399 0.57 20.72 -23.19
C THR A 399 1.74 19.77 -23.39
N GLN A 400 2.26 19.17 -22.31
CA GLN A 400 3.28 18.15 -22.44
C GLN A 400 3.24 17.25 -21.21
N VAL A 401 3.53 15.97 -21.42
CA VAL A 401 3.62 14.98 -20.35
C VAL A 401 4.98 14.30 -20.45
N LEU A 402 5.82 14.50 -19.45
CA LEU A 402 7.08 13.78 -19.33
C LEU A 402 6.86 12.51 -18.55
N LYS A 403 7.47 11.42 -19.01
CA LYS A 403 7.35 10.13 -18.34
C LYS A 403 8.72 9.65 -17.89
N GLY A 404 8.74 8.92 -16.79
CA GLY A 404 9.97 8.41 -16.22
C GLY A 404 10.27 6.99 -16.65
N ILE A 405 11.54 6.61 -16.51
CA ILE A 405 11.98 5.25 -16.81
C ILE A 405 12.31 4.45 -15.56
N SER A 406 12.10 5.02 -14.38
CA SER A 406 12.29 4.35 -13.10
C SER A 406 11.20 4.85 -12.14
N PRO A 407 10.74 3.98 -11.24
CA PRO A 407 9.52 4.29 -10.47
C PRO A 407 9.61 5.59 -9.69
N TYR A 408 8.43 6.16 -9.41
CA TYR A 408 8.29 7.36 -8.59
C TYR A 408 9.01 8.56 -9.21
N PHE A 409 8.97 8.63 -10.54
CA PHE A 409 9.47 9.79 -11.26
C PHE A 409 8.48 10.93 -11.10
N GLY A 410 8.99 12.12 -10.81
CA GLY A 410 8.14 13.27 -10.58
C GLY A 410 7.82 13.56 -9.13
N TYR A 411 8.50 12.92 -8.18
CA TYR A 411 8.26 13.23 -6.78
C TYR A 411 8.63 14.67 -6.46
N SER A 412 9.61 15.22 -7.16
CA SER A 412 10.04 16.59 -6.94
C SER A 412 10.31 17.25 -8.29
N ILE A 413 10.04 18.56 -8.35
CA ILE A 413 10.24 19.34 -9.55
C ILE A 413 10.94 20.63 -9.17
N ALA A 414 11.67 21.20 -10.13
CA ALA A 414 12.08 22.60 -10.06
C ALA A 414 12.29 23.10 -11.48
N GLY A 415 12.25 24.42 -11.60
CA GLY A 415 12.45 25.08 -12.87
C GLY A 415 12.60 26.57 -12.69
N ASN A 416 12.11 27.36 -13.64
CA ASN A 416 12.18 28.82 -13.59
C ASN A 416 13.64 29.30 -13.54
N MET A 417 14.50 28.62 -14.29
CA MET A 417 15.85 29.11 -14.54
C MET A 417 16.34 28.50 -15.85
N ASP A 418 17.11 29.30 -16.57
CA ASP A 418 17.68 28.89 -17.86
C ASP A 418 19.01 28.19 -17.61
N LEU A 419 19.06 26.88 -17.85
CA LEU A 419 20.28 26.13 -17.57
C LEU A 419 21.29 26.24 -18.70
N ASP A 420 20.85 26.08 -19.95
CA ASP A 420 21.75 26.06 -21.08
C ASP A 420 21.82 27.40 -21.81
N ARG A 421 21.27 28.46 -21.23
CA ARG A 421 21.37 29.83 -21.75
C ARG A 421 20.89 29.91 -23.21
N ASN A 422 19.59 29.71 -23.38
CA ASN A 422 18.96 29.89 -24.69
C ASN A 422 17.71 30.77 -24.59
N SER A 423 17.61 31.60 -23.56
CA SER A 423 16.50 32.49 -23.25
C SER A 423 15.25 31.76 -22.80
N TYR A 424 15.28 30.44 -22.66
CA TYR A 424 14.12 29.64 -22.29
C TYR A 424 14.39 28.89 -21.00
N PRO A 425 13.52 29.01 -19.99
CA PRO A 425 13.71 28.24 -18.76
C PRO A 425 13.65 26.73 -19.00
N ASP A 426 14.13 25.98 -18.02
CA ASP A 426 14.24 24.53 -18.13
C ASP A 426 13.61 23.87 -16.91
N VAL A 427 13.42 22.56 -16.99
CA VAL A 427 12.70 21.80 -15.98
C VAL A 427 13.55 20.60 -15.56
N ALA A 428 13.66 20.38 -14.24
CA ALA A 428 14.39 19.26 -13.68
C ALA A 428 13.46 18.48 -12.76
N VAL A 429 13.46 17.15 -12.90
CA VAL A 429 12.49 16.30 -12.24
C VAL A 429 13.22 15.29 -11.37
N GLY A 430 12.85 15.23 -10.09
CA GLY A 430 13.45 14.31 -9.14
C GLY A 430 12.75 12.96 -9.12
N SER A 431 13.10 12.17 -8.10
CA SER A 431 12.64 10.79 -8.04
C SER A 431 12.77 10.29 -6.60
N LEU A 432 12.12 9.15 -6.36
CA LEU A 432 12.40 8.34 -5.18
C LEU A 432 13.32 7.18 -5.52
N SER A 433 13.84 7.14 -6.75
CA SER A 433 14.63 6.03 -7.25
C SER A 433 16.06 6.46 -7.57
N ASP A 434 16.54 7.49 -6.87
CA ASP A 434 17.93 7.92 -6.90
C ASP A 434 18.36 8.47 -8.27
N SER A 435 17.44 9.10 -8.99
CA SER A 435 17.77 9.67 -10.30
C SER A 435 17.13 11.04 -10.44
N VAL A 436 17.77 11.90 -11.22
CA VAL A 436 17.26 13.22 -11.57
C VAL A 436 17.36 13.37 -13.08
N THR A 437 16.29 13.87 -13.70
CA THR A 437 16.22 14.06 -15.13
C THR A 437 16.07 15.54 -15.44
N ILE A 438 16.80 16.02 -16.43
CA ILE A 438 16.80 17.42 -16.82
C ILE A 438 16.27 17.54 -18.24
N PHE A 439 15.25 18.38 -18.42
CA PHE A 439 14.67 18.66 -19.72
C PHE A 439 14.99 20.10 -20.10
N ARG A 440 15.43 20.30 -21.33
CA ARG A 440 15.78 21.63 -21.82
C ARG A 440 14.77 22.09 -22.86
N SER A 441 14.43 23.37 -22.82
CA SER A 441 13.35 23.92 -23.62
C SER A 441 13.84 24.25 -25.03
N ARG A 442 13.09 23.79 -26.02
CA ARG A 442 13.42 24.15 -27.40
C ARG A 442 12.87 25.55 -27.71
N PRO A 443 13.59 26.33 -28.50
CA PRO A 443 13.04 27.63 -28.93
C PRO A 443 11.78 27.44 -29.75
N VAL A 444 10.88 28.41 -29.66
CA VAL A 444 9.56 28.33 -30.25
C VAL A 444 9.51 29.24 -31.47
N ILE A 445 9.33 28.64 -32.64
CA ILE A 445 9.22 29.39 -33.90
C ILE A 445 7.74 29.63 -34.18
N ASN A 446 7.34 30.89 -34.22
CA ASN A 446 6.00 31.27 -34.68
C ASN A 446 6.08 31.58 -36.17
N ILE A 447 5.36 30.81 -36.98
CA ILE A 447 5.38 30.96 -38.42
C ILE A 447 4.05 31.54 -38.86
N GLN A 448 4.09 32.71 -39.49
CA GLN A 448 2.91 33.33 -40.06
C GLN A 448 2.78 32.89 -41.51
N LYS A 449 1.57 32.49 -41.90
CA LYS A 449 1.29 32.04 -43.25
C LYS A 449 0.37 33.02 -43.96
N THR A 450 0.68 33.29 -45.22
CA THR A 450 -0.14 34.12 -46.09
C THR A 450 -0.43 33.33 -47.36
N ILE A 451 -1.63 33.52 -47.92
CA ILE A 451 -2.02 32.81 -49.13
C ILE A 451 -2.73 33.77 -50.07
N THR A 452 -2.23 33.87 -51.29
CA THR A 452 -2.80 34.73 -52.33
C THR A 452 -3.05 33.91 -53.58
N VAL A 453 -4.33 33.74 -53.92
CA VAL A 453 -4.74 33.25 -55.23
C VAL A 453 -5.09 34.47 -56.08
N THR A 454 -4.38 34.70 -57.18
CA THR A 454 -4.40 36.05 -57.76
C THR A 454 -5.64 36.31 -58.62
N PRO A 455 -6.18 35.35 -59.41
CA PRO A 455 -7.57 35.51 -59.85
C PRO A 455 -8.49 35.27 -58.66
N ASN A 456 -8.90 36.36 -58.01
CA ASN A 456 -9.61 36.25 -56.74
C ASN A 456 -10.85 35.38 -56.87
N ARG A 457 -11.60 35.54 -57.94
CA ARG A 457 -12.85 34.83 -58.16
C ARG A 457 -12.77 34.09 -59.49
N ILE A 458 -13.35 32.90 -59.53
CA ILE A 458 -13.31 32.07 -60.74
C ILE A 458 -14.44 32.49 -61.67
N ASP A 459 -14.10 32.81 -62.91
CA ASP A 459 -15.07 33.05 -63.98
C ASP A 459 -14.99 31.87 -64.93
N LEU A 460 -16.05 31.06 -64.96
CA LEU A 460 -16.04 29.87 -65.81
C LEU A 460 -16.38 30.20 -67.26
N ARG A 461 -16.90 31.40 -67.50
CA ARG A 461 -17.19 31.91 -68.82
C ARG A 461 -15.99 32.63 -69.43
N GLN A 462 -14.83 32.61 -68.76
CA GLN A 462 -13.59 33.23 -69.21
C GLN A 462 -12.56 32.17 -69.57
N LYS A 463 -11.98 32.26 -70.77
CA LYS A 463 -10.95 31.34 -71.24
C LYS A 463 -9.63 32.07 -71.43
N THR A 464 -8.52 31.35 -71.30
CA THR A 464 -7.20 31.96 -71.22
C THR A 464 -6.16 31.00 -71.79
N ALA A 465 -5.01 31.56 -72.18
CA ALA A 465 -3.94 30.87 -72.90
C ALA A 465 -3.11 29.92 -72.04
N CYS A 466 -3.42 29.78 -70.75
CA CYS A 466 -2.62 28.87 -69.93
C CYS A 466 -2.85 27.42 -70.35
N GLY A 467 -2.01 26.53 -69.83
CA GLY A 467 -1.93 25.17 -70.32
C GLY A 467 -3.09 24.27 -69.96
N ALA A 468 -4.05 24.73 -69.20
CA ALA A 468 -5.12 23.86 -68.74
C ALA A 468 -6.13 23.63 -69.85
N PRO A 469 -6.44 22.38 -70.19
CA PRO A 469 -7.50 22.12 -71.18
C PRO A 469 -8.81 22.76 -70.77
N SER A 470 -9.04 22.85 -69.46
CA SER A 470 -10.06 23.72 -68.90
C SER A 470 -10.22 25.01 -69.69
N GLY A 471 -9.13 25.74 -69.84
CA GLY A 471 -9.19 27.12 -70.22
C GLY A 471 -9.19 28.09 -69.06
N ILE A 472 -9.09 27.60 -67.83
CA ILE A 472 -9.16 28.43 -66.63
C ILE A 472 -8.09 27.94 -65.64
N CYS A 473 -7.28 28.87 -65.15
CA CYS A 473 -6.18 28.56 -64.26
C CYS A 473 -6.24 29.45 -63.03
N LEU A 474 -5.56 29.01 -61.97
CA LEU A 474 -5.41 29.79 -60.75
C LEU A 474 -3.98 29.68 -60.26
N GLN A 475 -3.36 30.83 -60.00
CA GLN A 475 -2.01 30.89 -59.45
C GLN A 475 -2.13 31.14 -57.95
N VAL A 476 -1.88 30.10 -57.16
CA VAL A 476 -1.92 30.19 -55.70
C VAL A 476 -0.49 30.35 -55.19
N LYS A 477 -0.27 31.40 -54.40
CA LYS A 477 1.04 31.67 -53.82
C LYS A 477 0.90 31.83 -52.31
N SER A 478 1.75 31.15 -51.57
CA SER A 478 1.79 31.25 -50.12
C SER A 478 3.18 31.67 -49.67
N CYS A 479 3.22 32.54 -48.66
CA CYS A 479 4.44 33.16 -48.18
C CYS A 479 4.58 32.95 -46.67
N PHE A 480 5.79 32.65 -46.23
CA PHE A 480 6.04 32.25 -44.85
C PHE A 480 7.06 33.19 -44.22
N GLU A 481 6.68 33.83 -43.13
CA GLU A 481 7.62 34.47 -42.22
C GLU A 481 7.64 33.70 -40.91
N TYR A 482 8.74 33.84 -40.18
CA TYR A 482 8.82 33.27 -38.85
C TYR A 482 9.30 34.33 -37.87
N THR A 483 8.58 34.46 -36.76
CA THR A 483 9.00 35.24 -35.61
C THR A 483 9.36 34.28 -34.48
N ALA A 484 10.23 34.73 -33.59
CA ALA A 484 10.68 33.87 -32.50
C ALA A 484 11.21 34.73 -31.37
N ASN A 485 11.16 34.17 -30.16
CA ASN A 485 11.86 34.75 -29.04
C ASN A 485 13.12 33.96 -28.75
N PRO A 486 14.24 34.60 -28.37
CA PRO A 486 14.43 36.03 -28.13
C PRO A 486 14.55 36.87 -29.41
N ALA A 487 14.98 38.13 -29.25
CA ALA A 487 15.00 39.06 -30.38
C ALA A 487 16.14 38.73 -31.35
N GLY A 488 17.34 38.49 -30.83
CA GLY A 488 18.49 38.22 -31.67
C GLY A 488 18.57 36.83 -32.24
N TYR A 489 17.63 35.96 -31.89
CA TYR A 489 17.63 34.57 -32.36
C TYR A 489 17.13 34.55 -33.81
N ASN A 490 18.06 34.51 -34.76
CA ASN A 490 17.74 34.47 -36.18
C ASN A 490 18.43 33.27 -36.83
N PRO A 491 17.94 32.06 -36.57
CA PRO A 491 18.64 30.86 -37.04
C PRO A 491 18.13 30.37 -38.40
N SER A 492 18.85 29.38 -38.92
CA SER A 492 18.42 28.61 -40.08
C SER A 492 17.18 27.80 -39.73
N ILE A 493 16.13 27.96 -40.55
CA ILE A 493 14.93 27.14 -40.46
C ILE A 493 14.62 26.64 -41.87
N SER A 494 14.83 25.35 -42.10
CA SER A 494 14.52 24.69 -43.37
C SER A 494 13.16 24.01 -43.24
N ILE A 495 12.16 24.55 -43.95
CA ILE A 495 10.79 24.07 -43.81
C ILE A 495 10.38 23.28 -45.05
N VAL A 496 9.18 22.72 -45.02
CA VAL A 496 8.57 22.08 -46.18
C VAL A 496 7.15 22.63 -46.29
N GLY A 497 6.97 23.63 -47.15
CA GLY A 497 5.64 24.14 -47.41
C GLY A 497 4.80 23.13 -48.17
N THR A 498 3.50 23.17 -47.91
CA THR A 498 2.56 22.24 -48.55
C THR A 498 1.28 22.99 -48.89
N LEU A 499 0.92 22.97 -50.17
CA LEU A 499 -0.34 23.52 -50.65
C LEU A 499 -1.25 22.39 -51.08
N GLU A 500 -2.51 22.43 -50.64
CA GLU A 500 -3.49 21.44 -51.04
C GLU A 500 -4.87 22.10 -51.09
N ALA A 501 -5.74 21.54 -51.92
CA ALA A 501 -7.09 22.07 -52.08
C ALA A 501 -8.08 20.92 -52.15
N GLU A 502 -9.34 21.27 -51.89
CA GLU A 502 -10.47 20.34 -51.92
C GLU A 502 -10.25 19.19 -50.95
N LYS A 503 -10.55 19.47 -49.68
CA LYS A 503 -10.36 18.53 -48.59
C LYS A 503 -11.00 17.18 -48.87
N GLU A 504 -12.22 17.16 -49.39
CA GLU A 504 -12.94 15.91 -49.51
C GLU A 504 -12.59 15.14 -50.78
N SER A 511 -16.22 17.08 -56.03
CA SER A 511 -15.05 16.23 -55.94
C SER A 511 -13.80 17.05 -56.23
N SER A 512 -12.79 16.42 -56.83
CA SER A 512 -11.50 17.07 -57.06
C SER A 512 -11.58 17.94 -58.32
N ARG A 513 -12.14 19.14 -58.14
CA ARG A 513 -12.38 20.04 -59.26
C ARG A 513 -11.10 20.69 -59.78
N VAL A 514 -10.08 20.85 -58.93
CA VAL A 514 -8.81 21.43 -59.34
C VAL A 514 -7.70 20.40 -59.18
N GLN A 515 -6.62 20.61 -59.94
CA GLN A 515 -5.41 19.82 -59.76
C GLN A 515 -4.21 20.63 -60.24
N PHE A 516 -3.07 20.39 -59.59
CA PHE A 516 -1.84 21.09 -59.94
C PHE A 516 -1.30 20.60 -61.28
N ARG A 517 -0.23 21.24 -61.73
CA ARG A 517 0.46 20.81 -62.94
C ARG A 517 1.19 19.49 -62.68
N LYS A 524 -1.78 18.16 -54.45
CA LYS A 524 -0.80 18.39 -53.39
C LYS A 524 0.53 18.90 -53.92
N TYR A 525 0.82 20.16 -53.65
CA TYR A 525 2.07 20.78 -54.06
C TYR A 525 2.93 21.00 -52.83
N THR A 526 4.15 20.46 -52.85
CA THR A 526 5.10 20.61 -51.76
C THR A 526 6.39 21.20 -52.30
N GLN A 527 6.81 22.32 -51.72
CA GLN A 527 8.12 22.90 -51.97
C GLN A 527 8.94 22.84 -50.68
N GLU A 528 10.25 22.72 -50.84
CA GLU A 528 11.17 22.68 -49.70
C GLU A 528 11.84 24.05 -49.61
N LEU A 529 11.39 24.85 -48.65
CA LEU A 529 11.84 26.22 -48.52
C LEU A 529 12.95 26.31 -47.47
N THR A 530 13.33 27.55 -47.14
CA THR A 530 14.38 27.88 -46.18
C THR A 530 14.25 29.35 -45.84
N LEU A 531 14.35 29.69 -44.56
CA LEU A 531 14.25 31.07 -44.11
C LEU A 531 15.49 31.43 -43.31
N LYS A 532 16.19 32.47 -43.76
CA LYS A 532 17.49 32.81 -43.20
C LYS A 532 17.36 33.57 -41.88
N ARG A 533 16.38 34.46 -41.74
CA ARG A 533 16.27 35.26 -40.53
C ARG A 533 14.83 35.67 -40.31
N GLN A 534 14.58 36.22 -39.12
CA GLN A 534 13.24 36.60 -38.69
C GLN A 534 12.64 37.66 -39.62
N LYS A 535 11.31 37.64 -39.72
CA LYS A 535 10.51 38.67 -40.38
C LYS A 535 10.81 38.82 -41.86
N GLN A 536 11.43 37.81 -42.48
CA GLN A 536 11.74 37.84 -43.90
C GLN A 536 10.92 36.78 -44.61
N LYS A 537 10.12 37.23 -45.59
CA LYS A 537 9.21 36.34 -46.30
C LYS A 537 9.94 35.47 -47.32
N VAL A 538 9.39 34.27 -47.53
CA VAL A 538 9.83 33.35 -48.57
C VAL A 538 8.58 32.68 -49.12
N CYS A 539 8.39 32.77 -50.44
CA CYS A 539 7.15 32.34 -51.05
C CYS A 539 7.37 31.14 -51.97
N MET A 540 6.30 30.38 -52.14
CA MET A 540 6.22 29.33 -53.15
C MET A 540 4.92 29.49 -53.93
N GLU A 541 4.98 29.16 -55.21
CA GLU A 541 3.90 29.46 -56.14
C GLU A 541 3.73 28.28 -57.09
N GLU A 542 2.48 28.04 -57.50
CA GLU A 542 2.18 26.98 -58.44
C GLU A 542 0.79 27.23 -59.01
N THR A 543 0.54 26.72 -60.21
CA THR A 543 -0.70 26.95 -60.93
C THR A 543 -1.64 25.75 -60.77
N LEU A 544 -2.89 26.05 -60.45
CA LEU A 544 -3.93 25.05 -60.28
C LEU A 544 -4.82 25.04 -61.52
N TRP A 545 -4.87 23.91 -62.22
CA TRP A 545 -5.75 23.79 -63.37
C TRP A 545 -7.15 23.42 -62.91
N LEU A 546 -8.14 24.21 -63.33
CA LEU A 546 -9.53 23.83 -63.12
C LEU A 546 -9.89 22.70 -64.09
N GLN A 547 -11.14 22.26 -64.01
CA GLN A 547 -11.62 21.21 -64.91
C GLN A 547 -13.06 21.50 -65.30
N ASP A 548 -13.51 20.80 -66.34
CA ASP A 548 -14.83 21.03 -66.92
C ASP A 548 -15.89 20.37 -66.06
N ASN A 549 -16.63 21.18 -65.30
CA ASN A 549 -17.71 20.72 -64.44
C ASN A 549 -17.25 19.60 -63.49
N LEU A 554 -21.17 23.75 -57.98
CA LEU A 554 -20.53 25.04 -57.87
C LEU A 554 -20.67 25.57 -56.43
N ARG A 555 -19.54 25.61 -55.73
CA ARG A 555 -19.46 26.20 -54.40
C ARG A 555 -17.98 26.30 -54.04
N PRO A 556 -17.59 27.30 -53.24
CA PRO A 556 -16.18 27.73 -53.17
C PRO A 556 -15.17 26.61 -52.97
N ILE A 557 -14.01 26.80 -53.57
CA ILE A 557 -12.86 25.91 -53.43
C ILE A 557 -12.01 26.38 -52.26
N PRO A 558 -11.60 25.51 -51.36
CA PRO A 558 -10.68 25.91 -50.30
C PRO A 558 -9.25 25.49 -50.59
N ILE A 559 -8.30 26.41 -50.45
CA ILE A 559 -6.88 26.11 -50.55
C ILE A 559 -6.24 26.39 -49.20
N THR A 560 -5.42 25.45 -48.74
CA THR A 560 -4.78 25.56 -47.43
C THR A 560 -3.27 25.41 -47.58
N ALA A 561 -2.52 26.18 -46.79
CA ALA A 561 -1.07 26.01 -46.71
C ALA A 561 -0.69 25.61 -45.30
N SER A 562 0.31 24.74 -45.22
CA SER A 562 0.88 24.28 -43.97
C SER A 562 2.40 24.27 -44.11
N VAL A 563 3.08 24.38 -42.98
CA VAL A 563 4.52 24.29 -42.90
C VAL A 563 4.85 23.14 -41.95
N GLU A 564 6.01 22.54 -42.16
CA GLU A 564 6.58 21.63 -41.15
C GLU A 564 8.09 21.83 -41.15
N ILE A 565 8.64 22.07 -39.95
CA ILE A 565 10.07 22.21 -39.79
C ILE A 565 10.74 20.86 -39.95
N GLN A 566 11.77 20.82 -40.79
CA GLN A 566 12.63 19.65 -40.99
C GLN A 566 14.08 20.10 -40.84
N GLU A 567 14.94 19.22 -40.32
CA GLU A 567 16.28 19.62 -39.96
C GLU A 567 17.10 18.37 -39.60
N PRO A 568 18.45 18.48 -39.50
CA PRO A 568 19.39 17.35 -39.61
C PRO A 568 19.00 16.03 -38.95
N LEU A 577 28.45 19.44 -25.05
CA LEU A 577 27.03 19.30 -24.77
C LEU A 577 26.21 19.64 -25.99
N PRO A 578 25.26 18.77 -26.34
CA PRO A 578 24.52 18.91 -27.61
C PRO A 578 23.71 20.19 -27.74
N GLU A 579 23.03 20.30 -28.88
CA GLU A 579 22.30 21.49 -29.27
C GLU A 579 20.81 21.15 -29.33
N VAL A 580 19.98 22.04 -28.79
CA VAL A 580 18.54 21.91 -28.97
C VAL A 580 18.15 22.63 -30.25
N LEU A 581 17.18 22.06 -30.94
CA LEU A 581 16.69 22.58 -32.20
C LEU A 581 15.34 23.26 -31.99
N PRO A 582 15.02 24.27 -32.78
CA PRO A 582 13.71 24.91 -32.67
C PRO A 582 12.58 23.93 -32.91
N ILE A 583 11.45 24.20 -32.25
CA ILE A 583 10.20 23.49 -32.49
C ILE A 583 9.18 24.51 -32.98
N LEU A 584 8.34 24.10 -33.92
CA LEU A 584 7.28 24.97 -34.40
C LEU A 584 6.24 25.17 -33.32
N ASN A 585 5.81 26.42 -33.14
CA ASN A 585 4.77 26.73 -32.17
C ASN A 585 3.50 25.95 -32.51
N SER A 586 3.21 24.91 -31.75
CA SER A 586 2.08 24.04 -32.04
C SER A 586 0.78 24.51 -31.41
N ASP A 587 0.80 25.61 -30.65
CA ASP A 587 -0.41 26.17 -30.08
C ASP A 587 -0.93 27.36 -30.88
N GLU A 588 -0.39 27.58 -32.07
CA GLU A 588 -0.95 28.44 -33.08
C GLU A 588 -1.63 27.61 -34.16
N PRO A 589 -2.45 28.21 -35.01
CA PRO A 589 -3.09 27.45 -36.09
C PRO A 589 -2.08 26.71 -36.96
N LYS A 590 -2.37 25.44 -37.22
CA LYS A 590 -1.52 24.64 -38.09
C LYS A 590 -1.57 25.11 -39.53
N THR A 591 -2.67 25.72 -39.93
CA THR A 591 -2.97 25.99 -41.33
C THR A 591 -3.47 27.41 -41.52
N ALA A 592 -3.34 27.89 -42.75
CA ALA A 592 -4.04 29.08 -43.23
C ALA A 592 -4.95 28.66 -44.37
N HIS A 593 -6.12 29.29 -44.45
CA HIS A 593 -7.13 28.87 -45.41
C HIS A 593 -7.63 30.06 -46.22
N ILE A 594 -8.16 29.73 -47.40
CA ILE A 594 -8.73 30.71 -48.31
C ILE A 594 -9.86 30.03 -49.07
N ASP A 595 -10.92 30.78 -49.35
CA ASP A 595 -12.02 30.32 -50.19
C ASP A 595 -12.07 31.20 -51.43
N VAL A 596 -11.90 30.58 -52.60
CA VAL A 596 -12.12 31.27 -53.87
C VAL A 596 -13.57 31.05 -54.27
N HIS A 597 -14.27 32.14 -54.60
CA HIS A 597 -15.70 32.11 -54.85
C HIS A 597 -15.97 32.26 -56.33
N PHE A 598 -16.74 31.34 -56.89
CA PHE A 598 -17.23 31.49 -58.25
C PHE A 598 -18.16 32.69 -58.33
N LEU A 599 -18.25 33.29 -59.51
CA LEU A 599 -19.18 34.40 -59.72
C LEU A 599 -20.28 34.00 -60.69
N GLU B 61 -28.09 -2.18 -44.92
CA GLU B 61 -26.90 -2.68 -44.23
C GLU B 61 -26.75 -2.04 -42.85
N ASN B 62 -26.87 -2.86 -41.80
CA ASN B 62 -26.88 -2.34 -40.44
C ASN B 62 -26.75 -3.45 -39.42
N PRO B 63 -25.53 -3.80 -39.00
CA PRO B 63 -25.39 -4.71 -37.86
C PRO B 63 -25.83 -4.04 -36.57
N ARG B 64 -26.41 -4.84 -35.68
CA ARG B 64 -27.01 -4.31 -34.46
C ARG B 64 -26.48 -5.04 -33.24
N GLY B 65 -26.62 -4.38 -32.08
CA GLY B 65 -26.11 -4.94 -30.85
C GLY B 65 -27.04 -6.00 -30.28
N SER B 66 -26.43 -6.95 -29.56
CA SER B 66 -27.18 -8.11 -29.08
C SER B 66 -26.80 -8.42 -27.64
N LYS B 67 -27.68 -9.19 -26.98
CA LYS B 67 -27.44 -9.74 -25.67
C LYS B 67 -27.85 -11.22 -25.69
N ASP B 68 -27.10 -12.04 -24.98
CA ASP B 68 -27.42 -13.45 -24.84
C ASP B 68 -26.75 -13.97 -23.57
N ILE B 69 -27.43 -14.89 -22.89
CA ILE B 69 -27.06 -15.33 -21.55
C ILE B 69 -26.49 -16.75 -21.62
N LYS B 70 -25.28 -16.93 -21.08
CA LYS B 70 -24.57 -18.19 -21.13
C LYS B 70 -24.76 -19.04 -19.88
N LYS B 71 -24.74 -18.45 -18.69
CA LYS B 71 -24.85 -19.18 -17.44
C LYS B 71 -25.91 -18.53 -16.56
N ASN B 72 -26.97 -19.28 -16.24
CA ASN B 72 -28.13 -18.74 -15.55
C ASN B 72 -28.70 -19.75 -14.56
N LYS B 73 -27.85 -20.28 -13.69
CA LYS B 73 -28.35 -21.14 -12.61
C LYS B 73 -29.10 -20.27 -11.60
N ASN B 74 -30.25 -20.77 -11.16
CA ASN B 74 -31.18 -19.98 -10.37
C ASN B 74 -30.62 -19.68 -8.99
N VAL B 75 -31.17 -18.63 -8.37
CA VAL B 75 -30.81 -18.34 -6.99
C VAL B 75 -31.23 -19.51 -6.10
N THR B 76 -30.44 -19.76 -5.06
CA THR B 76 -30.71 -20.89 -4.17
C THR B 76 -31.98 -20.64 -3.36
N ASN B 77 -32.83 -21.66 -3.28
CA ASN B 77 -34.07 -21.57 -2.52
C ASN B 77 -33.99 -22.39 -1.24
N LEU B 86 -24.97 -27.09 2.23
CA LEU B 86 -25.20 -25.79 1.59
C LEU B 86 -24.10 -24.80 2.03
N LYS B 87 -22.86 -25.14 1.69
CA LYS B 87 -21.72 -24.32 2.04
C LYS B 87 -21.70 -23.05 1.19
N PRO B 88 -21.16 -21.95 1.73
CA PRO B 88 -21.22 -20.67 1.02
C PRO B 88 -20.66 -20.69 -0.39
N GLU B 89 -19.67 -21.53 -0.67
CA GLU B 89 -19.12 -21.59 -2.02
C GLU B 89 -20.09 -22.21 -3.02
N ASP B 90 -21.12 -22.92 -2.54
CA ASP B 90 -22.12 -23.52 -3.40
C ASP B 90 -23.42 -22.71 -3.47
N ILE B 91 -23.57 -21.70 -2.63
CA ILE B 91 -24.81 -20.92 -2.57
C ILE B 91 -24.82 -19.91 -3.71
N THR B 92 -25.97 -19.78 -4.38
CA THR B 92 -26.16 -18.84 -5.46
C THR B 92 -27.03 -17.68 -4.97
N GLN B 93 -26.52 -16.46 -5.09
CA GLN B 93 -27.24 -15.25 -4.70
C GLN B 93 -27.52 -14.30 -5.84
N ILE B 94 -26.84 -14.44 -6.97
CA ILE B 94 -26.98 -13.51 -8.09
C ILE B 94 -27.08 -14.32 -9.39
N GLN B 95 -27.99 -13.91 -10.27
CA GLN B 95 -28.19 -14.58 -11.54
C GLN B 95 -28.69 -13.57 -12.56
N PRO B 96 -28.27 -13.67 -13.82
CA PRO B 96 -27.38 -14.68 -14.39
C PRO B 96 -25.93 -14.48 -13.97
N GLN B 97 -25.09 -15.50 -14.15
CA GLN B 97 -23.68 -15.40 -13.76
C GLN B 97 -22.75 -15.04 -14.91
N GLN B 98 -23.08 -15.43 -16.14
CA GLN B 98 -22.25 -15.12 -17.28
C GLN B 98 -23.11 -14.84 -18.50
N LEU B 99 -22.76 -13.79 -19.23
CA LEU B 99 -23.47 -13.43 -20.44
C LEU B 99 -22.50 -12.78 -21.42
N VAL B 100 -22.92 -12.70 -22.68
CA VAL B 100 -22.12 -12.12 -23.75
C VAL B 100 -22.89 -10.97 -24.37
N LEU B 101 -22.26 -9.80 -24.45
CA LEU B 101 -22.87 -8.62 -25.02
C LEU B 101 -22.18 -8.31 -26.35
N ARG B 102 -22.97 -8.25 -27.43
CA ARG B 102 -22.48 -7.81 -28.73
C ARG B 102 -22.77 -6.33 -28.84
N LEU B 103 -21.70 -5.53 -28.90
CA LEU B 103 -21.80 -4.07 -28.80
C LEU B 103 -21.43 -3.43 -30.13
N ARG B 104 -22.34 -2.61 -30.66
CA ARG B 104 -22.01 -1.66 -31.72
C ARG B 104 -21.89 -0.28 -31.11
N SER B 105 -20.89 0.47 -31.55
CA SER B 105 -20.52 1.73 -30.93
C SER B 105 -21.65 2.75 -31.02
N GLY B 106 -21.97 3.38 -29.89
CA GLY B 106 -23.11 4.25 -29.77
C GLY B 106 -24.37 3.57 -29.30
N GLU B 107 -24.47 2.24 -29.46
CA GLU B 107 -25.67 1.54 -29.03
C GLU B 107 -25.48 0.93 -27.65
N PRO B 108 -26.43 1.12 -26.74
CA PRO B 108 -26.32 0.50 -25.41
C PRO B 108 -26.91 -0.91 -25.38
N GLN B 109 -26.40 -1.70 -24.44
CA GLN B 109 -26.99 -2.98 -24.09
C GLN B 109 -27.46 -2.92 -22.64
N THR B 110 -28.43 -3.78 -22.31
CA THR B 110 -29.14 -3.66 -21.04
C THR B 110 -29.59 -5.04 -20.59
N PHE B 111 -28.93 -5.58 -19.56
CA PHE B 111 -29.37 -6.80 -18.92
C PHE B 111 -29.70 -6.52 -17.46
N THR B 112 -30.45 -7.42 -16.84
CA THR B 112 -30.85 -7.27 -15.46
C THR B 112 -30.20 -8.34 -14.60
N LEU B 113 -29.84 -7.97 -13.37
CA LEU B 113 -29.27 -8.87 -12.39
C LEU B 113 -30.29 -9.08 -11.27
N LYS B 114 -30.45 -10.33 -10.86
CA LYS B 114 -31.30 -10.66 -9.71
C LYS B 114 -30.42 -11.02 -8.53
N PHE B 115 -30.64 -10.35 -7.41
CA PHE B 115 -29.95 -10.65 -6.16
C PHE B 115 -30.97 -11.11 -5.13
N LYS B 116 -30.72 -12.27 -4.54
CA LYS B 116 -31.54 -12.81 -3.45
C LYS B 116 -30.63 -13.06 -2.26
N ARG B 117 -30.92 -12.39 -1.14
CA ARG B 117 -30.08 -12.54 0.04
C ARG B 117 -30.23 -13.93 0.62
N ALA B 118 -29.14 -14.69 0.62
CA ALA B 118 -29.14 -16.00 1.24
C ALA B 118 -29.19 -15.87 2.76
N GLU B 119 -29.35 -17.01 3.43
CA GLU B 119 -29.29 -17.02 4.88
C GLU B 119 -27.85 -16.80 5.35
N ASP B 120 -27.69 -16.30 6.56
CA ASP B 120 -26.42 -15.77 7.03
C ASP B 120 -25.29 -16.80 6.93
N TYR B 121 -24.21 -16.40 6.27
CA TYR B 121 -23.00 -17.20 6.21
C TYR B 121 -22.35 -17.32 7.59
N PRO B 122 -21.36 -18.18 7.74
CA PRO B 122 -20.49 -18.10 8.93
C PRO B 122 -19.79 -16.75 8.98
N ILE B 123 -19.11 -16.50 10.10
CA ILE B 123 -18.57 -15.17 10.35
C ILE B 123 -17.17 -15.29 10.94
N ASP B 124 -16.20 -14.65 10.29
CA ASP B 124 -14.85 -14.44 10.84
C ASP B 124 -14.75 -12.99 11.26
N LEU B 125 -14.55 -12.76 12.56
CA LEU B 125 -14.49 -11.40 13.12
C LEU B 125 -13.11 -11.18 13.70
N TYR B 126 -12.38 -10.21 13.15
CA TYR B 126 -11.08 -9.81 13.67
C TYR B 126 -11.24 -8.48 14.39
N TYR B 127 -10.80 -8.44 15.65
CA TYR B 127 -10.91 -7.24 16.49
C TYR B 127 -9.54 -6.58 16.56
N LEU B 128 -9.38 -5.48 15.81
CA LEU B 128 -8.14 -4.73 15.76
C LEU B 128 -8.28 -3.53 16.69
N MET B 129 -7.57 -3.56 17.80
CA MET B 129 -7.81 -2.62 18.89
C MET B 129 -6.64 -1.66 19.07
N ASP B 130 -6.96 -0.37 19.09
CA ASP B 130 -6.03 0.65 19.55
C ASP B 130 -5.58 0.32 20.96
N LEU B 131 -4.27 0.22 21.16
CA LEU B 131 -3.74 -0.20 22.45
C LEU B 131 -2.93 0.90 23.13
N SER B 132 -3.29 2.16 22.88
CA SER B 132 -2.70 3.26 23.62
C SER B 132 -3.27 3.30 25.04
N TYR B 133 -2.59 4.05 25.91
CA TYR B 133 -2.97 4.04 27.32
C TYR B 133 -4.37 4.58 27.57
N SER B 134 -4.88 5.44 26.67
CA SER B 134 -6.27 5.87 26.78
C SER B 134 -7.27 4.71 26.70
N MET B 135 -6.83 3.52 26.25
CA MET B 135 -7.71 2.38 26.04
C MET B 135 -7.58 1.32 27.12
N LYS B 136 -6.91 1.63 28.24
CA LYS B 136 -6.59 0.59 29.23
C LYS B 136 -7.86 -0.01 29.82
N ASP B 137 -8.76 0.83 30.32
CA ASP B 137 -9.99 0.32 30.93
C ASP B 137 -10.86 -0.43 29.93
N ASP B 138 -10.75 -0.08 28.65
CA ASP B 138 -11.53 -0.74 27.61
C ASP B 138 -11.19 -2.22 27.49
N LEU B 139 -9.99 -2.62 27.94
CA LEU B 139 -9.57 -4.01 27.76
C LEU B 139 -10.40 -4.97 28.60
N GLU B 140 -10.89 -4.55 29.77
CA GLU B 140 -11.55 -5.47 30.68
C GLU B 140 -12.97 -5.83 30.22
N ASN B 141 -13.58 -5.02 29.36
CA ASN B 141 -14.86 -5.38 28.77
C ASN B 141 -14.69 -6.16 27.48
N VAL B 142 -13.62 -5.88 26.74
CA VAL B 142 -13.27 -6.69 25.57
C VAL B 142 -12.64 -8.02 25.99
N LYS B 143 -12.13 -8.10 27.21
CA LYS B 143 -11.51 -9.34 27.68
C LYS B 143 -12.50 -10.48 27.83
N SER B 144 -13.80 -10.19 27.83
CA SER B 144 -14.83 -11.23 27.86
C SER B 144 -15.59 -11.30 26.55
N LEU B 145 -15.10 -10.64 25.50
CA LEU B 145 -15.83 -10.57 24.23
C LEU B 145 -15.86 -11.92 23.52
N GLY B 146 -14.81 -12.73 23.68
CA GLY B 146 -14.71 -13.98 22.94
C GLY B 146 -15.91 -14.88 23.16
N THR B 147 -16.28 -15.12 24.43
CA THR B 147 -17.43 -15.96 24.72
C THR B 147 -18.73 -15.21 24.56
N ASP B 148 -18.77 -13.94 24.97
CA ASP B 148 -20.02 -13.18 24.95
C ASP B 148 -20.51 -12.95 23.53
N LEU B 149 -19.63 -12.45 22.65
CA LEU B 149 -20.04 -12.12 21.30
C LEU B 149 -20.46 -13.36 20.51
N MET B 150 -19.88 -14.52 20.84
CA MET B 150 -20.29 -15.75 20.17
C MET B 150 -21.67 -16.20 20.63
N ASN B 151 -21.93 -16.16 21.94
CA ASN B 151 -23.26 -16.49 22.43
C ASN B 151 -24.29 -15.48 21.98
N GLU B 152 -23.88 -14.23 21.75
CA GLU B 152 -24.80 -13.17 21.37
C GLU B 152 -25.18 -13.22 19.89
N MET B 153 -24.40 -13.90 19.07
CA MET B 153 -24.70 -13.99 17.64
C MET B 153 -25.02 -15.41 17.20
N ARG B 154 -25.46 -16.26 18.14
CA ARG B 154 -26.00 -17.57 17.78
C ARG B 154 -27.15 -17.43 16.80
N ARG B 155 -28.05 -16.48 17.06
CA ARG B 155 -29.16 -16.17 16.18
C ARG B 155 -28.71 -16.05 14.73
N ILE B 156 -27.63 -15.31 14.50
CA ILE B 156 -27.15 -15.10 13.14
C ILE B 156 -26.45 -16.34 12.60
N THR B 157 -25.51 -16.88 13.39
CA THR B 157 -24.77 -18.06 12.98
C THR B 157 -24.12 -18.67 14.22
N SER B 158 -24.04 -19.99 14.24
CA SER B 158 -23.27 -20.69 15.26
C SER B 158 -21.89 -21.07 14.78
N ASP B 159 -21.55 -20.74 13.52
CA ASP B 159 -20.22 -20.98 12.96
C ASP B 159 -19.45 -19.66 13.04
N PHE B 160 -18.99 -19.33 14.24
CA PHE B 160 -18.36 -18.05 14.53
C PHE B 160 -16.88 -18.26 14.84
N ARG B 161 -16.04 -17.43 14.23
CA ARG B 161 -14.61 -17.38 14.51
C ARG B 161 -14.22 -15.96 14.88
N ILE B 162 -13.32 -15.82 15.87
CA ILE B 162 -12.91 -14.52 16.36
C ILE B 162 -11.39 -14.47 16.48
N GLY B 163 -10.83 -13.28 16.27
CA GLY B 163 -9.40 -13.07 16.41
C GLY B 163 -9.14 -11.68 16.97
N PHE B 164 -7.89 -11.45 17.35
CA PHE B 164 -7.51 -10.20 17.99
C PHE B 164 -6.17 -9.70 17.45
N GLY B 165 -6.14 -8.39 17.14
CA GLY B 165 -4.90 -7.71 16.84
C GLY B 165 -4.87 -6.39 17.58
N SER B 166 -3.68 -5.78 17.61
CA SER B 166 -3.52 -4.55 18.37
C SER B 166 -2.50 -3.66 17.68
N PHE B 167 -2.66 -2.36 17.88
CA PHE B 167 -1.79 -1.38 17.23
C PHE B 167 -1.58 -0.19 18.13
N VAL B 168 -0.50 0.55 17.87
CA VAL B 168 -0.29 1.87 18.47
C VAL B 168 0.15 2.84 17.39
N GLU B 169 1.40 2.72 16.94
CA GLU B 169 2.00 3.76 16.14
C GLU B 169 3.33 3.27 15.56
N LYS B 170 3.79 3.94 14.51
CA LYS B 170 5.15 3.75 14.03
C LYS B 170 6.14 4.04 15.15
N THR B 171 7.26 3.32 15.16
CA THR B 171 8.22 3.40 16.26
C THR B 171 9.43 4.25 15.91
N VAL B 172 9.18 5.44 15.37
CA VAL B 172 10.23 6.42 15.12
C VAL B 172 9.77 7.77 15.64
N MET B 173 10.72 8.69 15.77
CA MET B 173 10.34 10.04 16.12
C MET B 173 9.82 10.77 14.88
N PRO B 174 8.87 11.71 15.04
CA PRO B 174 8.35 12.31 16.27
C PRO B 174 7.11 11.61 16.85
N TYR B 175 6.75 10.44 16.32
CA TYR B 175 5.51 9.81 16.72
C TYR B 175 5.60 9.18 18.10
N ILE B 176 6.80 8.75 18.51
CA ILE B 176 7.07 8.29 19.86
C ILE B 176 8.34 8.95 20.34
N SER B 177 8.64 8.75 21.62
CA SER B 177 9.94 9.11 22.15
C SER B 177 10.87 7.91 21.99
N THR B 178 12.13 8.18 21.66
CA THR B 178 13.12 7.13 21.45
C THR B 178 14.22 7.13 22.50
N THR B 179 14.12 7.99 23.52
CA THR B 179 15.02 7.89 24.66
C THR B 179 14.85 6.51 25.30
N PRO B 180 15.94 5.84 25.67
CA PRO B 180 15.81 4.46 26.20
C PRO B 180 14.77 4.30 27.30
N ALA B 181 14.64 5.30 28.18
CA ALA B 181 13.68 5.20 29.28
C ALA B 181 12.25 5.19 28.75
N LYS B 182 11.93 6.05 27.78
CA LYS B 182 10.59 6.08 27.22
C LYS B 182 10.38 4.97 26.20
N LEU B 183 11.46 4.50 25.56
CA LEU B 183 11.35 3.41 24.60
C LEU B 183 11.00 2.08 25.27
N ARG B 184 11.10 1.99 26.59
CA ARG B 184 10.66 0.82 27.34
C ARG B 184 9.44 1.09 28.20
N ASN B 185 9.09 2.37 28.43
CA ASN B 185 7.88 2.72 29.15
C ASN B 185 7.42 4.09 28.65
N PRO B 186 6.62 4.14 27.59
CA PRO B 186 6.27 5.43 26.99
C PRO B 186 5.38 6.30 27.87
N CYS B 187 4.61 5.71 28.78
CA CYS B 187 3.73 6.48 29.63
C CYS B 187 4.44 6.88 30.91
N THR B 188 3.74 7.57 31.80
CA THR B 188 4.33 7.97 33.07
C THR B 188 4.80 6.74 33.86
N SER B 189 5.89 6.91 34.61
CA SER B 189 6.58 5.78 35.23
C SER B 189 5.70 5.02 36.20
N GLU B 190 4.67 5.68 36.75
CA GLU B 190 3.69 4.94 37.55
C GLU B 190 3.00 3.88 36.72
N GLN B 191 2.44 4.28 35.57
CA GLN B 191 1.77 3.34 34.69
C GLN B 191 2.79 2.36 34.10
N ASN B 192 2.44 1.07 34.13
CA ASN B 192 3.33 0.01 33.63
C ASN B 192 3.02 -0.24 32.15
N CYS B 193 3.44 0.71 31.33
CA CYS B 193 3.25 0.60 29.89
C CYS B 193 4.37 -0.23 29.28
N THR B 194 4.02 -1.04 28.29
CA THR B 194 5.02 -1.77 27.53
C THR B 194 5.57 -0.89 26.40
N SER B 195 6.65 -1.34 25.80
CA SER B 195 7.27 -0.56 24.73
C SER B 195 6.32 -0.48 23.53
N PRO B 196 6.34 0.63 22.79
CA PRO B 196 5.36 0.79 21.71
C PRO B 196 5.66 -0.11 20.53
N PHE B 197 4.60 -0.47 19.81
CA PHE B 197 4.69 -1.34 18.64
C PHE B 197 3.75 -0.81 17.57
N SER B 198 4.01 -1.21 16.32
CA SER B 198 3.13 -0.81 15.23
C SER B 198 1.88 -1.69 15.20
N TYR B 199 2.02 -2.96 14.81
CA TYR B 199 0.89 -3.86 14.77
C TYR B 199 1.32 -5.26 15.19
N LYS B 200 0.54 -5.88 16.06
CA LYS B 200 0.79 -7.23 16.55
C LYS B 200 -0.47 -8.06 16.31
N ASN B 201 -0.32 -9.19 15.62
CA ASN B 201 -1.41 -10.15 15.48
C ASN B 201 -1.40 -11.05 16.71
N VAL B 202 -2.24 -10.73 17.68
CA VAL B 202 -2.23 -11.45 18.96
C VAL B 202 -2.75 -12.87 18.78
N LEU B 203 -4.00 -12.99 18.33
CA LEU B 203 -4.66 -14.28 18.18
C LEU B 203 -5.28 -14.37 16.80
N SER B 204 -4.78 -15.30 15.97
CA SER B 204 -5.37 -15.51 14.65
C SER B 204 -6.75 -16.16 14.78
N LEU B 205 -7.53 -16.02 13.71
CA LEU B 205 -8.95 -16.36 13.75
C LEU B 205 -9.19 -17.79 14.22
N THR B 206 -10.06 -17.95 15.21
CA THR B 206 -10.34 -19.25 15.81
C THR B 206 -11.70 -19.18 16.50
N ASN B 207 -12.27 -20.37 16.73
CA ASN B 207 -13.50 -20.47 17.51
C ASN B 207 -13.24 -20.75 18.98
N LYS B 208 -11.99 -20.73 19.41
CA LYS B 208 -11.64 -20.93 20.82
C LYS B 208 -11.94 -19.64 21.57
N GLY B 209 -13.23 -19.44 21.85
CA GLY B 209 -13.67 -18.19 22.43
C GLY B 209 -13.04 -17.90 23.79
N GLU B 210 -12.89 -18.93 24.62
CA GLU B 210 -12.25 -18.74 25.91
C GLU B 210 -10.77 -18.40 25.77
N VAL B 211 -10.12 -18.90 24.70
CA VAL B 211 -8.72 -18.54 24.47
C VAL B 211 -8.60 -17.05 24.12
N PHE B 212 -9.55 -16.53 23.35
CA PHE B 212 -9.59 -15.08 23.11
C PHE B 212 -9.64 -14.31 24.41
N ASN B 213 -10.46 -14.78 25.35
CA ASN B 213 -10.62 -14.07 26.62
C ASN B 213 -9.33 -14.06 27.42
N GLU B 214 -8.70 -15.22 27.59
CA GLU B 214 -7.49 -15.30 28.40
C GLU B 214 -6.36 -14.45 27.80
N LEU B 215 -6.25 -14.43 26.48
CA LEU B 215 -5.14 -13.72 25.85
C LEU B 215 -5.34 -12.21 25.91
N VAL B 216 -6.56 -11.75 25.64
CA VAL B 216 -6.83 -10.30 25.69
C VAL B 216 -6.61 -9.78 27.10
N GLY B 217 -7.02 -10.55 28.11
CA GLY B 217 -6.78 -10.16 29.48
C GLY B 217 -5.31 -10.01 29.82
N LYS B 218 -4.44 -10.76 29.14
CA LYS B 218 -3.00 -10.71 29.35
C LYS B 218 -2.31 -9.64 28.52
N GLN B 219 -3.03 -8.93 27.66
CA GLN B 219 -2.40 -7.95 26.78
C GLN B 219 -2.04 -6.68 27.54
N ARG B 220 -0.88 -6.13 27.22
CA ARG B 220 -0.33 -4.99 27.95
C ARG B 220 -0.58 -3.70 27.18
N ILE B 221 -1.10 -2.69 27.89
CA ILE B 221 -1.27 -1.36 27.31
C ILE B 221 0.09 -0.72 27.06
N SER B 222 0.11 0.28 26.18
CA SER B 222 1.30 1.08 25.92
C SER B 222 0.84 2.44 25.44
N GLY B 223 1.74 3.22 24.84
CA GLY B 223 1.38 4.57 24.44
C GLY B 223 2.32 5.13 23.39
N ASN B 224 2.23 6.44 23.20
CA ASN B 224 3.00 7.16 22.19
C ASN B 224 2.91 8.65 22.48
N LEU B 225 3.39 9.47 21.54
CA LEU B 225 3.61 10.90 21.76
C LEU B 225 2.51 11.77 21.16
N ASP B 226 2.34 11.72 19.84
CA ASP B 226 1.27 12.48 19.21
C ASP B 226 -0.04 11.68 19.20
N SER B 227 -1.16 12.43 19.16
CA SER B 227 -2.47 11.80 19.36
C SER B 227 -2.92 10.95 18.19
N PRO B 228 -2.87 11.40 16.93
CA PRO B 228 -3.25 10.52 15.83
C PRO B 228 -2.36 9.28 15.79
N GLU B 229 -2.98 8.13 15.58
CA GLU B 229 -2.28 6.85 15.69
C GLU B 229 -2.27 6.14 14.34
N GLY B 230 -1.35 5.19 14.22
CA GLY B 230 -1.13 4.51 12.96
C GLY B 230 -1.94 3.25 12.76
N GLY B 231 -3.25 3.32 12.98
CA GLY B 231 -4.09 2.15 12.77
C GLY B 231 -4.18 1.74 11.31
N PHE B 232 -3.92 2.67 10.39
CA PHE B 232 -3.99 2.36 8.97
C PHE B 232 -2.96 1.33 8.56
N ASP B 233 -1.77 1.37 9.16
CA ASP B 233 -0.77 0.34 8.90
C ASP B 233 -1.31 -1.04 9.31
N ALA B 234 -2.08 -1.10 10.39
CA ALA B 234 -2.58 -2.38 10.86
C ALA B 234 -3.69 -2.91 9.95
N ILE B 235 -4.61 -2.03 9.52
CA ILE B 235 -5.69 -2.46 8.63
C ILE B 235 -5.12 -3.09 7.37
N MET B 236 -4.19 -2.39 6.71
CA MET B 236 -3.55 -2.89 5.51
C MET B 236 -3.00 -4.29 5.73
N GLN B 237 -2.28 -4.50 6.84
CA GLN B 237 -1.69 -5.80 7.10
C GLN B 237 -2.74 -6.85 7.41
N VAL B 238 -3.81 -6.46 8.12
CA VAL B 238 -4.90 -7.41 8.37
C VAL B 238 -5.55 -7.83 7.05
N ALA B 239 -5.69 -6.89 6.12
CA ALA B 239 -6.39 -7.19 4.87
C ALA B 239 -5.56 -8.08 3.95
N VAL B 240 -4.25 -7.90 3.92
CA VAL B 240 -3.41 -8.54 2.91
C VAL B 240 -2.60 -9.73 3.45
N CYS B 241 -2.58 -9.94 4.76
CA CYS B 241 -1.92 -11.12 5.35
C CYS B 241 -2.95 -12.20 5.66
N GLY B 242 -3.75 -12.58 4.66
CA GLY B 242 -4.84 -13.50 4.90
C GLY B 242 -4.38 -14.87 5.37
N SER B 243 -3.26 -15.36 4.82
CA SER B 243 -2.77 -16.67 5.21
C SER B 243 -2.37 -16.71 6.68
N LEU B 244 -1.94 -15.58 7.23
CA LEU B 244 -1.60 -15.51 8.64
C LEU B 244 -2.81 -15.20 9.51
N ILE B 245 -3.73 -14.37 9.03
CA ILE B 245 -4.93 -14.06 9.79
C ILE B 245 -5.87 -15.27 9.82
N GLY B 246 -6.02 -15.94 8.69
CA GLY B 246 -6.89 -17.08 8.57
C GLY B 246 -8.28 -16.79 8.05
N TRP B 247 -8.45 -15.75 7.24
CA TRP B 247 -9.76 -15.44 6.68
C TRP B 247 -10.30 -16.61 5.88
N ARG B 248 -11.48 -17.09 6.26
CA ARG B 248 -12.19 -18.06 5.45
C ARG B 248 -12.95 -17.34 4.32
N ASN B 249 -13.45 -18.13 3.36
CA ASN B 249 -14.25 -17.59 2.27
C ASN B 249 -15.71 -17.41 2.71
N VAL B 250 -15.88 -16.60 3.76
CA VAL B 250 -17.19 -16.35 4.36
C VAL B 250 -17.30 -14.87 4.69
N THR B 251 -18.20 -14.54 5.62
CA THR B 251 -18.36 -13.15 6.06
C THR B 251 -17.15 -12.72 6.85
N ARG B 252 -16.38 -11.77 6.31
CA ARG B 252 -15.19 -11.25 6.96
C ARG B 252 -15.51 -9.88 7.51
N LEU B 253 -15.69 -9.80 8.83
CA LEU B 253 -15.86 -8.53 9.53
C LEU B 253 -14.55 -8.15 10.19
N LEU B 254 -14.13 -6.90 9.98
CA LEU B 254 -12.96 -6.35 10.65
C LEU B 254 -13.43 -5.19 11.54
N VAL B 255 -13.38 -5.39 12.84
CA VAL B 255 -13.72 -4.36 13.80
C VAL B 255 -12.48 -3.56 14.14
N PHE B 256 -12.55 -2.25 13.95
CA PHE B 256 -11.44 -1.33 14.20
C PHE B 256 -11.90 -0.33 15.25
N SER B 257 -11.52 -0.56 16.51
CA SER B 257 -11.98 0.26 17.63
C SER B 257 -10.81 1.07 18.16
N THR B 258 -10.89 2.40 18.02
CA THR B 258 -9.89 3.33 18.50
C THR B 258 -10.58 4.45 19.29
N ASP B 259 -9.77 5.34 19.86
CA ASP B 259 -10.31 6.54 20.49
C ASP B 259 -9.48 7.77 20.12
N ALA B 260 -8.76 7.72 19.00
CA ALA B 260 -7.91 8.81 18.55
C ALA B 260 -8.01 8.91 17.04
N GLY B 261 -7.41 9.96 16.49
CA GLY B 261 -7.38 10.15 15.06
C GLY B 261 -6.49 9.11 14.39
N PHE B 262 -6.27 9.33 13.09
CA PHE B 262 -5.43 8.42 12.33
C PHE B 262 -4.45 9.20 11.46
N HIS B 263 -3.26 8.66 11.30
CA HIS B 263 -2.34 9.14 10.29
C HIS B 263 -2.66 8.51 8.95
N PHE B 264 -2.29 9.21 7.88
CA PHE B 264 -2.51 8.73 6.52
C PHE B 264 -1.27 9.04 5.70
N ALA B 265 -1.26 8.53 4.47
CA ALA B 265 -0.13 8.72 3.56
C ALA B 265 0.25 10.19 3.47
N GLY B 266 1.55 10.46 3.45
CA GLY B 266 2.08 11.81 3.46
C GLY B 266 2.56 12.27 4.83
N ASP B 267 2.01 11.70 5.90
CA ASP B 267 2.47 12.03 7.24
C ASP B 267 3.81 11.41 7.58
N GLY B 268 4.19 10.34 6.88
CA GLY B 268 5.44 9.65 7.16
C GLY B 268 6.69 10.45 6.84
N LYS B 269 6.56 11.56 6.12
CA LYS B 269 7.72 12.38 5.80
C LYS B 269 8.37 12.94 7.07
N LEU B 270 7.60 13.10 8.13
CA LEU B 270 8.16 13.63 9.38
C LEU B 270 9.07 12.60 10.06
N GLY B 271 8.80 11.32 9.85
CA GLY B 271 9.64 10.26 10.36
C GLY B 271 10.68 9.74 9.39
N GLY B 272 10.86 10.41 8.26
CA GLY B 272 11.80 9.94 7.26
C GLY B 272 11.32 8.78 6.44
N ILE B 273 10.00 8.63 6.29
CA ILE B 273 9.41 7.51 5.57
C ILE B 273 8.58 8.09 4.43
N VAL B 274 9.06 7.92 3.20
CA VAL B 274 8.41 8.49 2.03
C VAL B 274 7.98 7.43 1.02
N LEU B 275 8.41 6.18 1.18
CA LEU B 275 8.05 5.14 0.23
C LEU B 275 6.60 4.71 0.45
N PRO B 276 5.77 4.69 -0.58
CA PRO B 276 4.36 4.32 -0.40
C PRO B 276 4.22 2.85 0.00
N ASN B 277 3.24 2.60 0.87
CA ASN B 277 2.92 1.24 1.30
C ASN B 277 2.68 0.34 0.09
N ASP B 278 3.33 -0.81 0.08
CA ASP B 278 3.34 -1.68 -1.08
C ASP B 278 2.23 -2.72 -1.08
N GLY B 279 1.35 -2.71 -0.07
CA GLY B 279 0.24 -3.65 -0.06
C GLY B 279 0.62 -5.10 0.03
N GLN B 280 1.83 -5.39 0.50
CA GLN B 280 2.28 -6.77 0.68
C GLN B 280 2.25 -7.13 2.16
N CYS B 281 2.58 -8.38 2.46
CA CYS B 281 2.56 -8.90 3.82
C CYS B 281 3.96 -8.86 4.41
N HIS B 282 4.08 -8.26 5.59
CA HIS B 282 5.37 -8.11 6.26
C HIS B 282 5.25 -8.42 7.75
N LEU B 283 4.57 -9.52 8.08
CA LEU B 283 4.47 -10.00 9.46
C LEU B 283 5.44 -11.16 9.66
N GLU B 284 6.38 -10.97 10.59
CA GLU B 284 7.24 -12.05 11.06
C GLU B 284 7.13 -12.12 12.57
N ASN B 285 6.81 -13.31 13.08
CA ASN B 285 6.40 -13.52 14.46
C ASN B 285 5.19 -12.65 14.81
N ASN B 286 4.22 -12.63 13.88
CA ASN B 286 2.93 -11.97 14.08
C ASN B 286 3.07 -10.49 14.45
N MET B 287 4.17 -9.86 14.04
CA MET B 287 4.40 -8.45 14.29
C MET B 287 4.79 -7.77 12.98
N TYR B 288 4.41 -6.50 12.86
CA TYR B 288 4.69 -5.73 11.65
C TYR B 288 6.13 -5.21 11.71
N THR B 289 6.95 -5.66 10.76
CA THR B 289 8.39 -5.41 10.80
C THR B 289 8.82 -4.17 10.01
N MET B 290 7.97 -3.65 9.13
CA MET B 290 8.40 -2.64 8.16
C MET B 290 7.68 -1.31 8.33
N SER B 291 7.09 -1.04 9.50
CA SER B 291 6.48 0.26 9.74
C SER B 291 7.50 1.40 9.65
N HIS B 292 8.79 1.07 9.68
CA HIS B 292 9.85 2.05 9.51
C HIS B 292 10.16 2.36 8.06
N TYR B 293 9.72 1.50 7.13
CA TYR B 293 10.16 1.54 5.75
C TYR B 293 9.09 1.98 4.77
N TYR B 294 7.82 1.88 5.14
CA TYR B 294 6.71 2.23 4.26
C TYR B 294 5.84 3.28 4.93
N ASP B 295 5.39 4.26 4.13
CA ASP B 295 4.49 5.28 4.63
C ASP B 295 3.18 4.66 5.10
N TYR B 296 2.35 5.48 5.74
CA TYR B 296 0.98 5.05 6.01
C TYR B 296 0.26 4.84 4.68
N PRO B 297 -0.67 3.90 4.62
CA PRO B 297 -1.42 3.68 3.38
C PRO B 297 -2.28 4.89 3.03
N SER B 298 -2.48 5.09 1.73
CA SER B 298 -3.52 6.01 1.28
C SER B 298 -4.88 5.37 1.51
N ILE B 299 -5.91 6.21 1.54
CA ILE B 299 -7.28 5.69 1.64
C ILE B 299 -7.61 4.86 0.39
N ALA B 300 -7.17 5.34 -0.78
CA ALA B 300 -7.38 4.57 -2.00
C ALA B 300 -6.75 3.19 -1.91
N HIS B 301 -5.51 3.12 -1.40
CA HIS B 301 -4.86 1.83 -1.19
C HIS B 301 -5.68 0.96 -0.26
N LEU B 302 -6.14 1.54 0.86
CA LEU B 302 -6.93 0.78 1.82
C LEU B 302 -8.22 0.27 1.21
N VAL B 303 -8.94 1.14 0.49
CA VAL B 303 -10.17 0.71 -0.18
C VAL B 303 -9.89 -0.41 -1.16
N GLN B 304 -8.80 -0.29 -1.92
CA GLN B 304 -8.46 -1.33 -2.90
C GLN B 304 -8.25 -2.67 -2.21
N LYS B 305 -7.41 -2.71 -1.18
CA LYS B 305 -7.10 -3.98 -0.53
C LYS B 305 -8.24 -4.48 0.33
N LEU B 306 -9.01 -3.58 0.95
CA LEU B 306 -10.14 -3.99 1.78
C LEU B 306 -11.19 -4.69 0.94
N SER B 307 -11.61 -4.06 -0.17
CA SER B 307 -12.67 -4.65 -0.99
C SER B 307 -12.19 -5.88 -1.73
N GLU B 308 -10.92 -5.88 -2.19
CA GLU B 308 -10.38 -7.01 -2.92
C GLU B 308 -10.34 -8.28 -2.08
N ASN B 309 -10.30 -8.14 -0.75
CA ASN B 309 -10.30 -9.28 0.16
C ASN B 309 -11.63 -9.46 0.89
N ASN B 310 -12.69 -8.80 0.41
CA ASN B 310 -14.05 -8.95 0.96
C ASN B 310 -14.08 -8.67 2.46
N ILE B 311 -13.39 -7.63 2.88
CA ILE B 311 -13.36 -7.22 4.27
C ILE B 311 -14.41 -6.15 4.49
N GLN B 312 -15.45 -6.48 5.25
CA GLN B 312 -16.42 -5.50 5.71
C GLN B 312 -15.91 -4.91 7.02
N THR B 313 -15.86 -3.58 7.09
CA THR B 313 -15.18 -2.87 8.18
C THR B 313 -16.21 -2.25 9.11
N ILE B 314 -15.97 -2.39 10.42
CA ILE B 314 -16.84 -1.84 11.45
C ILE B 314 -16.00 -0.90 12.29
N PHE B 315 -16.26 0.40 12.18
CA PHE B 315 -15.52 1.41 12.94
C PHE B 315 -16.23 1.66 14.26
N ALA B 316 -15.66 1.15 15.35
CA ALA B 316 -16.19 1.37 16.69
C ALA B 316 -15.31 2.42 17.35
N VAL B 317 -15.65 3.69 17.14
CA VAL B 317 -14.84 4.79 17.65
C VAL B 317 -15.66 5.59 18.66
N THR B 318 -14.94 6.34 19.49
CA THR B 318 -15.61 7.16 20.49
C THR B 318 -16.25 8.38 19.82
N GLU B 319 -17.17 9.02 20.56
CA GLU B 319 -17.93 10.12 20.00
C GLU B 319 -17.06 11.31 19.63
N GLU B 320 -15.90 11.46 20.27
CA GLU B 320 -15.02 12.58 19.96
C GLU B 320 -14.54 12.56 18.52
N PHE B 321 -14.35 11.37 17.95
CA PHE B 321 -13.79 11.24 16.61
C PHE B 321 -14.74 10.64 15.58
N GLN B 322 -15.96 10.30 15.97
CA GLN B 322 -16.93 9.68 15.07
C GLN B 322 -17.21 10.50 13.82
N PRO B 323 -17.22 11.84 13.88
CA PRO B 323 -17.32 12.62 12.63
C PRO B 323 -16.28 12.27 11.58
N VAL B 324 -15.01 12.12 11.96
CA VAL B 324 -13.99 11.80 10.97
C VAL B 324 -14.15 10.38 10.47
N TYR B 325 -14.59 9.46 11.32
CA TYR B 325 -14.76 8.07 10.91
C TYR B 325 -16.08 7.84 10.18
N LYS B 326 -17.07 8.69 10.39
CA LYS B 326 -18.24 8.68 9.51
C LYS B 326 -17.86 9.19 8.12
N GLU B 327 -16.97 10.19 8.06
CA GLU B 327 -16.45 10.63 6.77
C GLU B 327 -15.59 9.54 6.14
N LEU B 328 -14.79 8.85 6.94
CA LEU B 328 -14.02 7.72 6.42
C LEU B 328 -14.93 6.59 5.98
N LYS B 329 -15.98 6.31 6.77
CA LYS B 329 -16.93 5.28 6.40
C LYS B 329 -17.53 5.54 5.02
N ASN B 330 -17.82 6.80 4.70
CA ASN B 330 -18.42 7.10 3.41
C ASN B 330 -17.46 6.86 2.26
N LEU B 331 -16.15 6.90 2.54
CA LEU B 331 -15.18 6.63 1.49
C LEU B 331 -14.92 5.14 1.32
N ILE B 332 -15.10 4.35 2.38
CA ILE B 332 -14.96 2.90 2.30
C ILE B 332 -16.31 2.30 1.94
N PRO B 333 -16.39 1.45 0.91
CA PRO B 333 -17.69 0.96 0.45
C PRO B 333 -18.45 0.11 1.47
N LYS B 334 -17.89 -1.02 1.88
CA LYS B 334 -18.59 -1.94 2.78
C LYS B 334 -18.12 -1.72 4.21
N SER B 335 -18.54 -0.58 4.77
CA SER B 335 -18.14 -0.22 6.12
C SER B 335 -19.28 0.46 6.86
N ALA B 336 -19.41 0.14 8.15
CA ALA B 336 -20.30 0.83 9.06
C ALA B 336 -19.46 1.52 10.12
N VAL B 337 -20.09 2.46 10.84
CA VAL B 337 -19.46 3.11 11.97
C VAL B 337 -20.49 3.30 13.06
N GLY B 338 -20.15 2.88 14.28
CA GLY B 338 -20.97 3.14 15.44
C GLY B 338 -20.15 3.85 16.50
N THR B 339 -20.86 4.48 17.43
CA THR B 339 -20.23 5.29 18.45
C THR B 339 -19.96 4.43 19.68
N LEU B 340 -18.67 4.19 19.95
CA LEU B 340 -18.27 3.47 21.16
C LEU B 340 -18.65 4.28 22.40
N SER B 341 -19.17 3.59 23.40
CA SER B 341 -19.52 4.24 24.66
C SER B 341 -18.27 4.28 25.55
N ALA B 342 -18.45 4.63 26.82
CA ALA B 342 -17.36 4.97 27.74
C ALA B 342 -16.23 3.94 27.79
N ASN B 343 -16.51 2.76 28.36
CA ASN B 343 -15.49 1.74 28.58
C ASN B 343 -15.63 0.57 27.61
N SER B 344 -16.05 0.84 26.37
CA SER B 344 -16.40 -0.20 25.39
C SER B 344 -17.51 -1.10 25.90
N SER B 345 -18.36 -0.55 26.77
CA SER B 345 -19.47 -1.30 27.34
C SER B 345 -20.36 -1.89 26.26
N ASN B 346 -20.73 -1.06 25.27
CA ASN B 346 -21.78 -1.38 24.31
C ASN B 346 -21.24 -1.96 23.00
N VAL B 347 -20.05 -2.56 23.00
CA VAL B 347 -19.45 -2.94 21.73
C VAL B 347 -20.04 -4.24 21.18
N ILE B 348 -20.65 -5.08 22.01
CA ILE B 348 -21.35 -6.25 21.50
C ILE B 348 -22.57 -5.82 20.69
N GLN B 349 -23.38 -4.93 21.26
CA GLN B 349 -24.53 -4.40 20.52
C GLN B 349 -24.08 -3.59 19.32
N LEU B 350 -22.98 -2.84 19.46
CA LEU B 350 -22.47 -2.04 18.36
C LEU B 350 -22.14 -2.92 17.15
N ILE B 351 -21.56 -4.09 17.37
CA ILE B 351 -21.16 -4.96 16.27
C ILE B 351 -22.38 -5.52 15.55
N ILE B 352 -23.32 -6.09 16.30
CA ILE B 352 -24.46 -6.76 15.67
C ILE B 352 -25.38 -5.74 15.01
N ASP B 353 -25.40 -4.50 15.50
CA ASP B 353 -26.13 -3.46 14.80
C ASP B 353 -25.39 -3.06 13.52
N ALA B 354 -24.06 -2.99 13.57
CA ALA B 354 -23.29 -2.77 12.36
C ALA B 354 -23.37 -3.98 11.43
N TYR B 355 -23.43 -5.18 12.01
CA TYR B 355 -23.61 -6.36 11.17
C TYR B 355 -24.97 -6.35 10.48
N ASN B 356 -26.01 -5.96 11.22
CA ASN B 356 -27.35 -5.91 10.64
C ASN B 356 -27.42 -4.93 9.48
N SER B 357 -26.68 -3.82 9.56
CA SER B 357 -26.73 -2.82 8.49
C SER B 357 -25.85 -3.21 7.31
N LEU B 358 -24.76 -3.94 7.55
CA LEU B 358 -23.91 -4.36 6.43
C LEU B 358 -24.51 -5.56 5.70
N SER B 359 -25.04 -6.53 6.43
CA SER B 359 -25.57 -7.72 5.79
C SER B 359 -26.91 -7.46 5.13
N SER B 360 -27.70 -6.51 5.64
CA SER B 360 -28.96 -6.13 5.02
C SER B 360 -28.76 -5.02 3.98
N GLU B 361 -27.68 -5.10 3.22
CA GLU B 361 -27.35 -4.10 2.22
C GLU B 361 -26.42 -4.75 1.20
N VAL B 362 -26.68 -4.49 -0.08
CA VAL B 362 -25.88 -5.05 -1.16
C VAL B 362 -25.39 -3.91 -2.03
N ILE B 363 -24.10 -3.92 -2.36
CA ILE B 363 -23.51 -2.93 -3.23
C ILE B 363 -22.68 -3.65 -4.28
N LEU B 364 -23.08 -3.52 -5.54
CA LEU B 364 -22.30 -4.06 -6.64
C LEU B 364 -21.06 -3.19 -6.88
N GLU B 365 -20.10 -3.76 -7.59
CA GLU B 365 -18.94 -3.03 -8.06
C GLU B 365 -18.30 -3.83 -9.18
N ASN B 366 -17.86 -3.13 -10.21
CA ASN B 366 -17.36 -3.77 -11.43
C ASN B 366 -15.86 -3.56 -11.58
N GLY B 367 -15.25 -4.45 -12.36
CA GLY B 367 -13.82 -4.39 -12.60
C GLY B 367 -13.45 -3.30 -13.58
N LYS B 368 -12.15 -3.28 -13.91
CA LYS B 368 -11.62 -2.27 -14.81
C LYS B 368 -12.24 -2.39 -16.19
N LEU B 369 -12.76 -1.30 -16.71
CA LEU B 369 -13.35 -1.26 -18.03
C LEU B 369 -12.38 -0.67 -19.03
N SER B 370 -12.26 -1.32 -20.19
CA SER B 370 -11.59 -0.70 -21.32
C SER B 370 -12.24 0.65 -21.59
N GLU B 371 -11.42 1.63 -21.99
CA GLU B 371 -11.92 2.99 -22.14
C GLU B 371 -12.60 3.16 -23.49
N GLY B 372 -13.67 3.95 -23.47
CA GLY B 372 -14.71 3.92 -24.49
C GLY B 372 -15.96 3.21 -24.03
N VAL B 373 -15.87 2.41 -22.97
CA VAL B 373 -16.98 1.60 -22.49
C VAL B 373 -17.55 2.24 -21.23
N THR B 374 -18.80 2.68 -21.32
CA THR B 374 -19.55 3.23 -20.21
C THR B 374 -20.36 2.12 -19.53
N ILE B 375 -20.59 2.25 -18.23
CA ILE B 375 -21.48 1.36 -17.50
C ILE B 375 -22.42 2.20 -16.64
N SER B 376 -23.71 1.88 -16.70
CA SER B 376 -24.72 2.53 -15.88
C SER B 376 -25.36 1.50 -14.96
N TYR B 377 -25.82 1.97 -13.80
CA TYR B 377 -26.51 1.12 -12.83
C TYR B 377 -27.85 1.76 -12.47
N LYS B 378 -28.89 0.93 -12.41
CA LYS B 378 -30.20 1.33 -11.90
C LYS B 378 -30.72 0.21 -11.01
N SER B 379 -31.18 0.57 -9.82
CA SER B 379 -31.59 -0.40 -8.82
C SER B 379 -33.08 -0.29 -8.53
N TYR B 380 -33.66 -1.42 -8.11
CA TYR B 380 -35.08 -1.51 -7.76
C TYR B 380 -35.19 -2.33 -6.49
N CYS B 381 -35.34 -1.65 -5.35
CA CYS B 381 -35.32 -2.28 -4.05
C CYS B 381 -36.73 -2.44 -3.49
N LYS B 382 -36.80 -3.00 -2.28
CA LYS B 382 -38.06 -3.20 -1.58
C LYS B 382 -38.72 -1.86 -1.26
N ASN B 383 -40.06 -1.87 -1.22
CA ASN B 383 -40.87 -0.70 -0.91
C ASN B 383 -40.72 0.41 -1.94
N GLY B 384 -40.42 0.03 -3.19
CA GLY B 384 -40.43 0.96 -4.30
C GLY B 384 -39.23 1.87 -4.42
N VAL B 385 -38.20 1.70 -3.58
CA VAL B 385 -37.01 2.54 -3.69
C VAL B 385 -36.33 2.24 -5.02
N ASN B 386 -36.05 3.29 -5.78
CA ASN B 386 -35.41 3.20 -7.09
C ASN B 386 -34.17 4.08 -7.10
N GLY B 387 -33.00 3.47 -7.29
CA GLY B 387 -31.74 4.18 -7.26
C GLY B 387 -31.14 4.31 -8.64
N THR B 388 -30.43 5.42 -8.87
CA THR B 388 -29.82 5.73 -10.16
C THR B 388 -28.38 6.17 -9.96
N GLY B 389 -27.69 6.36 -11.08
CA GLY B 389 -26.31 6.81 -11.07
C GLY B 389 -25.38 5.90 -10.30
N GLU B 390 -24.86 6.38 -9.18
CA GLU B 390 -24.03 5.58 -8.28
C GLU B 390 -24.82 4.95 -7.15
N ASN B 391 -26.07 5.37 -6.95
CA ASN B 391 -26.96 4.72 -5.99
C ASN B 391 -27.75 3.57 -6.60
N GLY B 392 -27.73 3.43 -7.93
CA GLY B 392 -28.24 2.23 -8.57
C GLY B 392 -27.35 1.02 -8.40
N ARG B 393 -26.20 1.20 -7.77
CA ARG B 393 -25.28 0.12 -7.41
C ARG B 393 -25.62 -0.50 -6.07
N LYS B 394 -26.71 -0.07 -5.43
CA LYS B 394 -26.93 -0.33 -4.02
C LYS B 394 -28.42 -0.48 -3.74
N CYS B 395 -28.74 -1.35 -2.77
CA CYS B 395 -30.09 -1.52 -2.26
C CYS B 395 -30.01 -1.87 -0.78
N SER B 396 -30.99 -1.41 -0.01
CA SER B 396 -30.96 -1.55 1.44
C SER B 396 -32.33 -1.98 1.95
N ASN B 397 -32.41 -2.17 3.27
CA ASN B 397 -33.59 -2.71 3.94
C ASN B 397 -33.97 -4.09 3.40
N ILE B 398 -32.97 -4.86 2.99
CA ILE B 398 -33.18 -6.17 2.37
C ILE B 398 -33.01 -7.23 3.44
N SER B 399 -34.08 -7.97 3.71
CA SER B 399 -34.05 -9.04 4.69
C SER B 399 -33.59 -10.35 4.03
N ILE B 400 -33.53 -11.42 4.83
CA ILE B 400 -33.19 -12.72 4.30
C ILE B 400 -34.30 -13.21 3.39
N GLY B 401 -33.93 -13.72 2.22
CA GLY B 401 -34.88 -14.22 1.26
C GLY B 401 -35.45 -13.18 0.33
N ASP B 402 -35.34 -11.90 0.67
CA ASP B 402 -35.77 -10.85 -0.23
C ASP B 402 -34.98 -10.90 -1.53
N GLU B 403 -35.64 -10.53 -2.63
CA GLU B 403 -35.02 -10.43 -3.93
C GLU B 403 -35.15 -8.99 -4.43
N VAL B 404 -34.10 -8.49 -5.09
CA VAL B 404 -34.13 -7.17 -5.73
C VAL B 404 -33.43 -7.27 -7.08
N GLN B 405 -33.76 -6.32 -7.96
CA GLN B 405 -33.33 -6.33 -9.35
C GLN B 405 -32.43 -5.15 -9.64
N PHE B 406 -31.40 -5.38 -10.45
CA PHE B 406 -30.50 -4.35 -10.94
C PHE B 406 -30.58 -4.32 -12.46
N GLU B 407 -30.62 -3.12 -13.03
CA GLU B 407 -30.52 -2.96 -14.49
C GLU B 407 -29.18 -2.31 -14.81
N ILE B 408 -28.42 -2.96 -15.70
CA ILE B 408 -27.06 -2.55 -16.01
C ILE B 408 -26.98 -2.23 -17.49
N SER B 409 -26.86 -0.96 -17.82
CA SER B 409 -26.73 -0.48 -19.19
C SER B 409 -25.28 -0.10 -19.43
N ILE B 410 -24.62 -0.78 -20.37
CA ILE B 410 -23.23 -0.49 -20.70
C ILE B 410 -23.13 -0.15 -22.19
N THR B 411 -22.33 0.89 -22.48
CA THR B 411 -22.23 1.48 -23.80
C THR B 411 -20.76 1.58 -24.20
N SER B 412 -20.46 1.24 -25.44
CA SER B 412 -19.15 1.44 -26.02
C SER B 412 -19.19 2.55 -27.04
N ASN B 413 -18.04 3.19 -27.25
CA ASN B 413 -17.92 4.29 -28.21
C ASN B 413 -16.90 4.05 -29.30
N LYS B 414 -15.96 3.13 -29.09
CA LYS B 414 -14.91 2.88 -30.06
C LYS B 414 -15.13 1.53 -30.74
N CYS B 415 -14.13 1.11 -31.49
CA CYS B 415 -13.88 -0.30 -31.79
C CYS B 415 -12.55 -0.64 -31.12
N PRO B 416 -12.48 -0.52 -29.78
CA PRO B 416 -11.18 -0.25 -29.13
C PRO B 416 -10.17 -1.37 -29.26
N LYS B 417 -10.50 -2.54 -28.73
CA LYS B 417 -9.65 -3.72 -28.82
C LYS B 417 -10.10 -4.58 -30.00
N LYS B 418 -9.17 -5.36 -30.54
CA LYS B 418 -9.51 -6.18 -31.70
C LYS B 418 -10.37 -7.38 -31.30
N ASP B 419 -10.17 -7.92 -30.11
CA ASP B 419 -10.90 -9.11 -29.71
C ASP B 419 -11.63 -8.91 -28.39
N SER B 420 -12.19 -9.99 -27.87
CA SER B 420 -13.08 -9.93 -26.72
C SER B 420 -12.31 -9.76 -25.42
N ASP B 421 -12.83 -8.88 -24.56
CA ASP B 421 -12.32 -8.69 -23.22
C ASP B 421 -13.47 -8.79 -22.23
N SER B 422 -13.18 -9.31 -21.05
CA SER B 422 -14.20 -9.56 -20.03
C SER B 422 -13.84 -8.85 -18.74
N PHE B 423 -14.84 -8.26 -18.11
CA PHE B 423 -14.76 -7.76 -16.74
C PHE B 423 -15.78 -8.51 -15.90
N LYS B 424 -15.83 -8.19 -14.62
CA LYS B 424 -16.70 -8.92 -13.71
C LYS B 424 -17.42 -7.95 -12.77
N ILE B 425 -18.63 -8.34 -12.40
CA ILE B 425 -19.48 -7.60 -11.47
C ILE B 425 -19.63 -8.46 -10.20
N ARG B 426 -19.53 -7.83 -9.04
CA ARG B 426 -19.66 -8.61 -7.82
C ARG B 426 -20.29 -7.82 -6.69
N PRO B 427 -21.05 -8.48 -5.83
CA PRO B 427 -21.49 -7.86 -4.58
C PRO B 427 -20.36 -7.85 -3.55
N LEU B 428 -20.26 -6.75 -2.81
CA LEU B 428 -19.15 -6.57 -1.89
C LEU B 428 -19.32 -7.45 -0.65
N GLY B 429 -18.23 -8.09 -0.23
CA GLY B 429 -18.24 -9.02 0.87
C GLY B 429 -18.47 -10.46 0.49
N PHE B 430 -18.67 -10.74 -0.80
CA PHE B 430 -18.91 -12.09 -1.29
C PHE B 430 -17.92 -12.43 -2.38
N THR B 431 -17.62 -13.73 -2.52
CA THR B 431 -16.79 -14.20 -3.61
C THR B 431 -17.57 -14.44 -4.89
N GLU B 432 -18.87 -14.16 -4.91
CA GLU B 432 -19.70 -14.37 -6.09
C GLU B 432 -19.45 -13.26 -7.11
N GLU B 433 -19.43 -13.64 -8.38
CA GLU B 433 -19.14 -12.67 -9.43
C GLU B 433 -19.97 -12.96 -10.68
N VAL B 434 -20.37 -11.89 -11.35
CA VAL B 434 -21.05 -11.97 -12.63
C VAL B 434 -20.01 -11.66 -13.72
N GLU B 435 -19.77 -12.62 -14.60
CA GLU B 435 -18.83 -12.42 -15.70
C GLU B 435 -19.58 -11.91 -16.93
N VAL B 436 -19.12 -10.80 -17.47
CA VAL B 436 -19.75 -10.16 -18.64
C VAL B 436 -18.71 -10.12 -19.75
N ILE B 437 -18.93 -10.92 -20.79
CA ILE B 437 -18.06 -10.91 -21.97
C ILE B 437 -18.45 -9.74 -22.86
N LEU B 438 -17.45 -9.03 -23.36
CA LEU B 438 -17.66 -7.92 -24.28
C LEU B 438 -17.11 -8.27 -25.65
N GLN B 439 -17.95 -8.11 -26.67
CA GLN B 439 -17.56 -8.28 -28.06
C GLN B 439 -18.01 -7.06 -28.85
N TYR B 440 -17.07 -6.44 -29.56
CA TYR B 440 -17.32 -5.23 -30.34
C TYR B 440 -17.43 -5.60 -31.82
N ILE B 441 -18.42 -5.02 -32.53
CA ILE B 441 -18.78 -5.42 -33.88
C ILE B 441 -18.41 -4.29 -34.83
N CYS B 442 -17.86 -4.64 -35.99
CA CYS B 442 -17.02 -3.66 -36.68
C CYS B 442 -16.43 -4.31 -37.94
N ASP C 2 15.29 -31.30 29.84
CA ASP C 2 14.56 -30.44 30.76
C ASP C 2 13.13 -30.94 30.99
N VAL C 3 12.22 -30.57 30.09
CA VAL C 3 10.81 -30.90 30.27
C VAL C 3 10.61 -32.41 30.20
N LYS C 4 9.95 -32.96 31.22
CA LYS C 4 9.60 -34.38 31.27
C LYS C 4 8.14 -34.51 31.66
N LEU C 5 7.39 -35.30 30.89
CA LEU C 5 6.01 -35.63 31.21
C LEU C 5 5.91 -37.13 31.37
N VAL C 6 5.32 -37.57 32.48
CA VAL C 6 5.33 -38.98 32.88
C VAL C 6 3.90 -39.41 33.16
N GLU C 7 3.32 -40.19 32.25
CA GLU C 7 1.98 -40.71 32.44
C GLU C 7 2.00 -42.02 33.24
N SER C 8 0.89 -42.27 33.92
CA SER C 8 0.70 -43.52 34.66
C SER C 8 -0.79 -43.68 34.92
N GLY C 9 -1.15 -44.86 35.41
CA GLY C 9 -2.53 -45.17 35.73
C GLY C 9 -3.23 -46.05 34.72
N GLY C 10 -2.63 -46.26 33.55
CA GLY C 10 -3.24 -47.14 32.57
C GLY C 10 -3.26 -48.58 33.03
N GLY C 11 -4.09 -49.37 32.36
CA GLY C 11 -4.23 -50.78 32.72
C GLY C 11 -5.36 -51.41 31.93
N LEU C 12 -5.87 -52.52 32.46
CA LEU C 12 -6.97 -53.24 31.84
C LEU C 12 -8.26 -52.90 32.55
N VAL C 13 -9.31 -52.58 31.79
CA VAL C 13 -10.58 -52.15 32.35
C VAL C 13 -11.71 -52.89 31.65
N LYS C 14 -12.79 -53.13 32.41
CA LYS C 14 -13.99 -53.73 31.87
C LYS C 14 -14.88 -52.66 31.25
N PRO C 15 -15.53 -52.95 30.10
CA PRO C 15 -16.41 -51.97 29.47
C PRO C 15 -17.43 -51.37 30.44
N GLY C 16 -17.76 -50.10 30.24
CA GLY C 16 -18.59 -49.38 31.18
C GLY C 16 -17.93 -49.08 32.50
N GLY C 17 -16.68 -49.45 32.68
CA GLY C 17 -15.95 -49.26 33.92
C GLY C 17 -15.31 -47.88 34.02
N SER C 18 -14.20 -47.82 34.75
CA SER C 18 -13.58 -46.54 35.06
C SER C 18 -12.07 -46.69 35.06
N LEU C 19 -11.40 -45.57 34.77
CA LEU C 19 -9.95 -45.46 34.89
C LEU C 19 -9.61 -44.00 35.15
N LYS C 20 -8.51 -43.79 35.88
CA LYS C 20 -8.00 -42.46 36.15
C LYS C 20 -6.51 -42.45 35.84
N LEU C 21 -6.10 -41.52 34.99
CA LEU C 21 -4.72 -41.42 34.52
C LEU C 21 -4.08 -40.16 35.10
N SER C 22 -2.76 -40.19 35.26
CA SER C 22 -2.04 -39.07 35.83
C SER C 22 -0.71 -38.85 35.11
N CYS C 23 -0.37 -37.57 34.91
CA CYS C 23 0.85 -37.14 34.25
C CYS C 23 1.57 -36.20 35.21
N ALA C 24 2.80 -36.55 35.58
CA ALA C 24 3.58 -35.71 36.50
C ALA C 24 4.52 -34.85 35.68
N ALA C 25 4.40 -33.53 35.82
CA ALA C 25 5.19 -32.59 35.04
C ALA C 25 6.39 -32.11 35.83
N SER C 26 7.55 -32.12 35.20
CA SER C 26 8.78 -31.58 35.76
C SER C 26 9.45 -30.69 34.72
N GLY C 27 10.33 -29.83 35.21
CA GLY C 27 11.19 -29.06 34.33
C GLY C 27 10.59 -27.81 33.74
N PHE C 28 9.35 -27.47 34.09
CA PHE C 28 8.73 -26.24 33.60
C PHE C 28 7.65 -25.83 34.59
N THR C 29 7.30 -24.54 34.55
CA THR C 29 6.26 -24.01 35.43
C THR C 29 4.91 -24.54 34.98
N PHE C 30 4.32 -25.42 35.79
CA PHE C 30 3.13 -26.16 35.37
C PHE C 30 1.95 -25.24 35.09
N SER C 31 1.76 -24.21 35.92
CA SER C 31 0.57 -23.37 35.83
C SER C 31 0.60 -22.39 34.68
N SER C 32 1.72 -22.28 33.96
CA SER C 32 1.81 -21.34 32.86
C SER C 32 1.28 -21.89 31.54
N TYR C 33 0.94 -23.17 31.49
CA TYR C 33 0.72 -23.83 30.20
C TYR C 33 -0.60 -24.56 30.14
N THR C 34 -1.09 -24.73 28.92
CA THR C 34 -2.30 -25.47 28.62
C THR C 34 -1.94 -26.94 28.40
N MET C 35 -2.53 -27.82 29.19
CA MET C 35 -2.25 -29.25 29.13
C MET C 35 -3.41 -29.98 28.46
N SER C 36 -3.09 -31.06 27.77
CA SER C 36 -4.09 -31.80 27.02
C SER C 36 -3.72 -33.28 26.94
N TRP C 37 -4.73 -34.10 26.64
CA TRP C 37 -4.57 -35.54 26.50
C TRP C 37 -4.84 -35.93 25.05
N VAL C 38 -3.84 -36.49 24.39
CA VAL C 38 -3.98 -37.08 23.06
C VAL C 38 -3.72 -38.57 23.18
N ARG C 39 -4.54 -39.36 22.50
CA ARG C 39 -4.42 -40.81 22.53
C ARG C 39 -4.17 -41.36 21.14
N GLN C 40 -3.49 -42.50 21.09
CA GLN C 40 -3.17 -43.18 19.84
C GLN C 40 -3.82 -44.54 19.85
N THR C 41 -4.65 -44.80 18.85
CA THR C 41 -5.42 -46.03 18.77
C THR C 41 -4.57 -47.15 18.19
N PRO C 42 -5.03 -48.41 18.28
CA PRO C 42 -4.26 -49.50 17.66
C PRO C 42 -4.07 -49.34 16.17
N GLU C 43 -4.93 -48.59 15.50
CA GLU C 43 -4.75 -48.22 14.11
C GLU C 43 -3.77 -47.06 13.95
N LYS C 44 -3.04 -46.74 15.02
CA LYS C 44 -1.96 -45.75 15.02
C LYS C 44 -2.45 -44.37 14.62
N ARG C 45 -3.64 -43.99 15.06
CA ARG C 45 -4.21 -42.69 14.73
C ARG C 45 -4.30 -41.81 15.97
N LEU C 46 -3.97 -40.54 15.80
CA LEU C 46 -3.97 -39.61 16.91
C LEU C 46 -5.36 -39.00 17.09
N GLU C 47 -5.85 -39.07 18.32
CA GLU C 47 -7.19 -38.58 18.67
C GLU C 47 -7.05 -37.67 19.88
N TRP C 48 -7.30 -36.38 19.69
CA TRP C 48 -7.29 -35.45 20.81
C TRP C 48 -8.48 -35.74 21.73
N VAL C 49 -8.21 -35.84 23.02
CA VAL C 49 -9.18 -36.37 23.98
C VAL C 49 -9.67 -35.30 24.96
N ALA C 50 -8.79 -34.41 25.41
CA ALA C 50 -9.21 -33.37 26.34
C ALA C 50 -8.10 -32.33 26.45
N THR C 51 -8.49 -31.11 26.81
CA THR C 51 -7.57 -30.00 27.03
C THR C 51 -8.11 -29.14 28.17
N ILE C 52 -7.21 -28.60 28.99
CA ILE C 52 -7.59 -27.72 30.08
C ILE C 52 -6.66 -26.51 30.10
N SER C 53 -7.22 -25.35 30.41
CA SER C 53 -6.49 -24.09 30.42
C SER C 53 -5.33 -24.13 31.41
N SER C 54 -4.50 -23.08 31.37
CA SER C 54 -3.38 -22.98 32.29
C SER C 54 -3.85 -22.76 33.72
N GLY C 55 -4.92 -21.99 33.90
CA GLY C 55 -5.52 -21.80 35.19
C GLY C 55 -6.66 -22.75 35.52
N GLY C 56 -6.99 -23.66 34.61
CA GLY C 56 -8.09 -24.58 34.85
C GLY C 56 -9.48 -23.98 34.78
N SER C 57 -9.60 -22.72 34.32
CA SER C 57 -10.91 -22.06 34.35
C SER C 57 -11.82 -22.55 33.23
N TYR C 58 -11.27 -23.08 32.14
CA TYR C 58 -12.07 -23.62 31.05
C TYR C 58 -11.39 -24.87 30.49
N THR C 59 -12.21 -25.74 29.90
CA THR C 59 -11.75 -26.99 29.32
C THR C 59 -12.46 -27.25 28.00
N TYR C 60 -11.81 -28.04 27.15
CA TYR C 60 -12.35 -28.44 25.85
C TYR C 60 -12.32 -29.96 25.73
N TYR C 61 -13.37 -30.53 25.14
CA TYR C 61 -13.47 -31.95 24.89
C TYR C 61 -14.00 -32.16 23.49
N PRO C 62 -13.56 -33.22 22.80
CA PRO C 62 -14.29 -33.64 21.60
C PRO C 62 -15.60 -34.26 22.02
N ASP C 63 -16.56 -34.27 21.08
CA ASP C 63 -17.90 -34.69 21.46
C ASP C 63 -18.00 -36.20 21.68
N SER C 64 -17.02 -36.95 21.18
CA SER C 64 -17.03 -38.39 21.39
C SER C 64 -16.85 -38.75 22.86
N VAL C 65 -16.21 -37.89 23.65
CA VAL C 65 -15.90 -38.22 25.04
C VAL C 65 -16.58 -37.29 26.03
N LYS C 66 -17.49 -36.44 25.57
CA LYS C 66 -18.09 -35.46 26.46
C LYS C 66 -19.06 -36.12 27.43
N GLY C 67 -18.89 -35.84 28.72
CA GLY C 67 -19.65 -36.47 29.78
C GLY C 67 -18.97 -37.70 30.38
N ARG C 68 -18.25 -38.46 29.56
CA ARG C 68 -17.54 -39.64 30.06
C ARG C 68 -16.21 -39.27 30.68
N PHE C 69 -15.37 -38.53 29.95
CA PHE C 69 -14.07 -38.14 30.44
C PHE C 69 -14.16 -36.78 31.12
N THR C 70 -13.21 -36.53 32.03
CA THR C 70 -13.14 -35.24 32.71
C THR C 70 -11.68 -34.95 33.03
N ILE C 71 -11.17 -33.83 32.50
CA ILE C 71 -9.79 -33.43 32.68
C ILE C 71 -9.70 -32.43 33.81
N SER C 72 -8.61 -32.50 34.57
CA SER C 72 -8.39 -31.60 35.69
C SER C 72 -6.88 -31.51 35.95
N ARG C 73 -6.50 -30.55 36.78
CA ARG C 73 -5.11 -30.37 37.14
C ARG C 73 -5.01 -29.89 38.58
N ASP C 74 -3.90 -30.20 39.22
CA ASP C 74 -3.61 -29.78 40.59
C ASP C 74 -2.40 -28.86 40.57
N LYS C 75 -2.62 -27.57 40.83
CA LYS C 75 -1.54 -26.60 40.77
C LYS C 75 -0.41 -26.94 41.74
N ALA C 76 -0.73 -27.60 42.85
CA ALA C 76 0.25 -27.85 43.90
C ALA C 76 1.06 -29.13 43.67
N LYS C 77 0.52 -30.10 42.93
CA LYS C 77 1.21 -31.36 42.71
C LYS C 77 1.87 -31.45 41.34
N ASN C 78 1.64 -30.48 40.45
CA ASN C 78 2.21 -30.48 39.11
C ASN C 78 1.81 -31.74 38.34
N THR C 79 0.57 -32.18 38.52
CA THR C 79 0.06 -33.37 37.83
C THR C 79 -1.30 -33.09 37.21
N LEU C 80 -1.50 -33.63 36.01
CA LEU C 80 -2.73 -33.49 35.26
C LEU C 80 -3.45 -34.84 35.21
N TYR C 81 -4.77 -34.82 35.35
CA TYR C 81 -5.56 -36.04 35.43
C TYR C 81 -6.57 -36.13 34.30
N LEU C 82 -6.83 -37.35 33.86
CA LEU C 82 -7.95 -37.66 32.98
C LEU C 82 -8.76 -38.77 33.64
N GLN C 83 -9.97 -38.44 34.07
CA GLN C 83 -10.88 -39.40 34.67
C GLN C 83 -11.81 -39.93 33.59
N MET C 84 -11.70 -41.23 33.28
CA MET C 84 -12.49 -41.84 32.23
C MET C 84 -13.63 -42.64 32.83
N GLY C 85 -14.80 -42.57 32.20
CA GLY C 85 -15.97 -43.28 32.68
C GLY C 85 -16.78 -43.81 31.51
N SER C 86 -17.65 -44.78 31.82
CA SER C 86 -18.49 -45.45 30.82
C SER C 86 -17.64 -45.88 29.61
N LEU C 87 -16.59 -46.62 29.89
CA LEU C 87 -15.55 -46.94 28.90
C LEU C 87 -16.07 -47.80 27.76
N LYS C 88 -15.20 -48.11 26.81
CA LYS C 88 -15.58 -48.88 25.62
C LYS C 88 -14.32 -49.30 24.88
N SER C 89 -14.48 -50.28 23.99
CA SER C 89 -13.44 -50.76 23.08
C SER C 89 -12.89 -49.67 22.17
N GLU C 90 -13.63 -48.59 21.92
CA GLU C 90 -13.07 -47.50 21.11
C GLU C 90 -12.02 -46.71 21.88
N ASP C 91 -12.12 -46.71 23.21
CA ASP C 91 -11.17 -45.99 24.06
C ASP C 91 -9.85 -46.73 24.25
N THR C 92 -9.76 -47.98 23.80
CA THR C 92 -8.50 -48.72 23.82
C THR C 92 -7.44 -47.97 23.04
N ALA C 93 -6.45 -47.42 23.74
CA ALA C 93 -5.46 -46.57 23.11
C ALA C 93 -4.31 -46.30 24.07
N MET C 94 -3.19 -45.88 23.51
CA MET C 94 -2.10 -45.33 24.30
C MET C 94 -2.37 -43.85 24.52
N TYR C 95 -2.46 -43.44 25.79
CA TYR C 95 -2.87 -42.08 26.13
C TYR C 95 -1.63 -41.25 26.47
N TYR C 96 -1.40 -40.18 25.72
CA TYR C 96 -0.25 -39.32 25.91
C TYR C 96 -0.65 -38.03 26.61
N CYS C 97 0.26 -37.53 27.44
CA CYS C 97 0.15 -36.22 28.07
C CYS C 97 0.99 -35.23 27.28
N THR C 98 0.37 -34.11 26.89
CA THR C 98 1.05 -33.13 26.05
C THR C 98 0.90 -31.73 26.66
N ARG C 99 1.91 -30.90 26.42
CA ARG C 99 1.90 -29.50 26.79
C ARG C 99 1.78 -28.63 25.55
N ILE C 100 1.01 -27.56 25.64
CA ILE C 100 0.87 -26.59 24.56
C ILE C 100 1.74 -25.39 24.89
N GLY C 101 2.73 -25.12 24.05
CA GLY C 101 3.71 -24.09 24.36
C GLY C 101 3.16 -22.68 24.27
N TYR C 102 2.32 -22.43 23.27
CA TYR C 102 1.70 -21.13 23.07
C TYR C 102 0.23 -21.33 22.78
N ASP C 103 -0.63 -20.60 23.52
CA ASP C 103 -2.06 -20.66 23.25
C ASP C 103 -2.44 -19.97 21.95
N GLU C 104 -1.51 -19.26 21.32
CA GLU C 104 -1.78 -18.60 20.04
C GLU C 104 -1.70 -19.55 18.85
N ASP C 105 -1.11 -20.73 19.00
CA ASP C 105 -1.01 -21.68 17.90
C ASP C 105 -1.46 -23.10 18.23
N TYR C 106 -1.46 -23.49 19.51
CA TYR C 106 -1.93 -24.82 19.94
C TYR C 106 -1.09 -25.94 19.33
N ALA C 107 0.21 -25.72 19.21
CA ALA C 107 1.14 -26.80 18.89
C ALA C 107 1.57 -27.50 20.17
N MET C 108 1.61 -28.82 20.13
CA MET C 108 1.97 -29.63 21.29
C MET C 108 3.47 -29.87 21.23
N ASP C 109 4.24 -29.02 21.91
CA ASP C 109 5.69 -29.04 21.77
C ASP C 109 6.36 -30.13 22.60
N HIS C 110 5.66 -30.71 23.57
CA HIS C 110 6.24 -31.79 24.37
C HIS C 110 5.18 -32.83 24.66
N TRP C 111 5.52 -34.09 24.41
CA TRP C 111 4.65 -35.23 24.66
C TRP C 111 5.30 -36.13 25.69
N GLY C 112 4.48 -36.68 26.59
CA GLY C 112 4.96 -37.65 27.53
C GLY C 112 5.30 -38.95 26.83
N GLN C 113 5.52 -39.99 27.64
CA GLN C 113 5.84 -41.29 27.08
C GLN C 113 4.62 -42.19 26.90
N GLY C 114 3.46 -41.79 27.42
CA GLY C 114 2.24 -42.51 27.17
C GLY C 114 1.99 -43.70 28.08
N THR C 115 0.76 -43.81 28.57
CA THR C 115 0.31 -44.95 29.34
C THR C 115 -0.73 -45.72 28.54
N SER C 116 -0.71 -47.04 28.66
CA SER C 116 -1.54 -47.90 27.82
C SER C 116 -2.84 -48.27 28.52
N VAL C 117 -3.95 -48.18 27.79
CA VAL C 117 -5.27 -48.57 28.28
C VAL C 117 -5.85 -49.58 27.30
N THR C 118 -6.23 -50.74 27.82
CA THR C 118 -6.91 -51.76 27.02
C THR C 118 -8.30 -51.98 27.60
N VAL C 119 -9.30 -52.09 26.71
CA VAL C 119 -10.69 -52.27 27.10
C VAL C 119 -11.28 -53.41 26.29
N CYS C 120 -12.06 -54.26 26.94
CA CYS C 120 -12.57 -55.49 26.39
C CYS C 120 -14.06 -55.40 26.01
N ASP C 144 -1.29 -69.64 26.20
CA ASP C 144 0.13 -69.29 26.28
C ASP C 144 0.98 -69.81 25.10
N PRO C 145 0.81 -71.08 24.70
CA PRO C 145 1.65 -71.57 23.59
C PRO C 145 1.46 -70.79 22.29
N MET C 146 0.25 -70.34 22.00
CA MET C 146 0.06 -69.50 20.81
C MET C 146 0.69 -68.13 21.00
N MET C 147 0.67 -67.61 22.22
CA MET C 147 1.34 -66.34 22.51
C MET C 147 2.83 -66.41 22.17
N GLU C 148 3.48 -67.49 22.59
CA GLU C 148 4.91 -67.64 22.36
C GLU C 148 5.22 -67.74 20.87
N GLN C 149 4.42 -68.52 20.14
CA GLN C 149 4.65 -68.64 18.70
C GLN C 149 4.54 -67.28 18.02
N GLU C 150 3.51 -66.50 18.35
CA GLU C 150 3.38 -65.15 17.79
C GLU C 150 4.60 -64.30 18.12
N ILE C 151 5.01 -64.29 19.39
CA ILE C 151 6.11 -63.43 19.83
C ILE C 151 7.44 -63.88 19.21
N GLU C 152 7.69 -65.19 19.23
CA GLU C 152 8.95 -65.69 18.68
C GLU C 152 9.04 -65.44 17.18
N GLU C 153 7.92 -65.56 16.46
CA GLU C 153 7.93 -65.24 15.05
C GLU C 153 8.27 -63.77 14.79
N ILE C 154 7.89 -62.88 15.71
CA ILE C 154 8.30 -61.48 15.60
C ILE C 154 9.81 -61.36 15.80
N ARG C 155 10.35 -62.02 16.82
CA ARG C 155 11.77 -61.88 17.11
C ARG C 155 12.63 -62.54 16.04
N GLN C 156 12.15 -63.61 15.41
CA GLN C 156 12.83 -64.11 14.22
C GLN C 156 12.60 -63.19 13.03
N LYS C 157 11.40 -62.62 12.92
CA LYS C 157 11.16 -61.61 11.89
C LYS C 157 12.18 -60.49 12.00
N TYR C 158 12.40 -59.98 13.22
CA TYR C 158 13.36 -58.90 13.40
C TYR C 158 14.79 -59.39 13.38
N GLN C 159 15.04 -60.63 13.80
CA GLN C 159 16.39 -61.19 13.65
C GLN C 159 16.79 -61.26 12.19
N SER C 160 15.84 -61.55 11.30
CA SER C 160 16.12 -61.58 9.87
C SER C 160 16.25 -60.18 9.30
N LYS C 161 15.59 -59.19 9.91
CA LYS C 161 15.81 -57.80 9.49
C LYS C 161 17.16 -57.28 9.96
N ARG C 162 17.66 -57.78 11.09
CA ARG C 162 18.91 -57.29 11.65
C ARG C 162 20.12 -57.86 10.92
N GLN C 163 20.05 -59.13 10.52
CA GLN C 163 21.23 -59.81 9.99
C GLN C 163 21.87 -59.13 8.79
N PRO C 164 21.13 -58.62 7.79
CA PRO C 164 21.81 -57.96 6.66
C PRO C 164 22.60 -56.74 7.08
N ILE C 165 22.13 -56.00 8.08
CA ILE C 165 22.87 -54.84 8.56
C ILE C 165 24.16 -55.27 9.25
N LEU C 166 24.08 -56.29 10.09
CA LEU C 166 25.28 -56.84 10.72
C LEU C 166 26.25 -57.35 9.66
N ASP C 167 25.74 -58.06 8.66
CA ASP C 167 26.58 -58.48 7.54
C ASP C 167 27.17 -57.27 6.82
N ALA C 168 26.35 -56.23 6.62
CA ALA C 168 26.84 -55.01 5.96
C ALA C 168 27.96 -54.38 6.76
N ILE C 169 27.79 -54.28 8.07
CA ILE C 169 28.82 -53.70 8.94
C ILE C 169 30.15 -54.42 8.74
N GLU C 170 30.12 -55.73 8.59
CA GLU C 170 31.34 -56.53 8.61
C GLU C 170 32.15 -56.38 7.32
N ALA C 171 31.50 -56.08 6.20
CA ALA C 171 32.19 -56.01 4.93
C ALA C 171 33.19 -54.84 4.89
N GLN D 5 -16.64 -29.87 12.13
CA GLN D 5 -15.31 -30.38 12.45
C GLN D 5 -14.38 -30.28 11.25
N ILE D 6 -13.20 -29.70 11.47
CA ILE D 6 -12.21 -29.58 10.40
C ILE D 6 -11.62 -30.95 10.13
N VAL D 7 -11.70 -31.39 8.88
CA VAL D 7 -11.17 -32.68 8.46
C VAL D 7 -9.79 -32.46 7.87
N VAL D 8 -8.78 -33.12 8.44
CA VAL D 8 -7.41 -33.04 7.99
C VAL D 8 -7.11 -34.28 7.15
N THR D 9 -6.63 -34.06 5.93
CA THR D 9 -6.41 -35.14 4.97
C THR D 9 -4.94 -35.17 4.57
N GLN D 10 -4.28 -36.29 4.86
CA GLN D 10 -2.84 -36.45 4.67
C GLN D 10 -2.58 -37.48 3.58
N ARG D 11 -1.71 -37.14 2.65
CA ARG D 11 -1.33 -38.03 1.56
C ARG D 11 0.15 -37.86 1.27
N PRO D 12 0.85 -38.96 0.92
CA PRO D 12 0.31 -40.32 0.78
C PRO D 12 0.10 -40.98 2.13
N THR D 13 -0.71 -42.03 2.19
CA THR D 13 -0.84 -42.78 3.43
C THR D 13 0.49 -43.42 3.82
N THR D 14 1.20 -43.96 2.83
CA THR D 14 2.52 -44.54 3.03
C THR D 14 3.41 -44.10 1.88
N MET D 15 4.72 -44.03 2.14
CA MET D 15 5.68 -43.71 1.10
C MET D 15 6.98 -44.46 1.37
N ALA D 16 7.60 -44.97 0.31
CA ALA D 16 8.87 -45.67 0.38
C ALA D 16 9.93 -44.88 -0.37
N ALA D 17 11.02 -44.56 0.30
CA ALA D 17 12.11 -43.78 -0.30
C ALA D 17 13.46 -44.33 0.14
N SER D 18 14.51 -43.86 -0.52
CA SER D 18 15.89 -44.27 -0.24
C SER D 18 16.65 -43.12 0.43
N PRO D 19 17.67 -43.39 1.25
CA PRO D 19 18.51 -42.26 1.69
C PRO D 19 19.08 -41.54 0.47
N GLY D 20 19.27 -40.19 0.60
CA GLY D 20 19.30 -39.17 -0.46
C GLY D 20 17.99 -38.97 -1.22
N ASP D 21 16.89 -39.43 -0.66
CA ASP D 21 15.69 -39.14 -1.40
C ASP D 21 14.87 -38.03 -0.76
N LYS D 22 14.19 -37.25 -1.62
CA LYS D 22 13.50 -36.00 -1.25
C LYS D 22 11.99 -36.20 -1.16
N ILE D 23 11.52 -36.24 0.05
CA ILE D 23 10.11 -36.48 0.29
C ILE D 23 9.35 -35.17 0.30
N ILE D 24 8.17 -35.18 -0.31
CA ILE D 24 7.21 -34.09 -0.21
C ILE D 24 5.91 -34.72 0.22
N ILE D 25 5.42 -34.32 1.40
CA ILE D 25 4.16 -34.80 1.93
C ILE D 25 3.21 -33.62 2.02
N THR D 26 1.94 -33.87 1.71
CA THR D 26 0.94 -32.81 1.70
C THR D 26 -0.12 -33.06 2.77
N CYS D 27 -0.73 -31.96 3.20
CA CYS D 27 -1.75 -31.96 4.24
C CYS D 27 -2.81 -30.97 3.82
N SER D 28 -4.07 -31.42 3.75
CA SER D 28 -5.18 -30.59 3.32
C SER D 28 -6.27 -30.57 4.38
N VAL D 29 -6.84 -29.40 4.61
CA VAL D 29 -7.89 -29.22 5.61
C VAL D 29 -9.16 -28.77 4.92
N SER D 30 -10.30 -29.17 5.50
CA SER D 30 -11.59 -28.93 4.87
C SER D 30 -11.92 -27.45 4.77
N SER D 31 -11.45 -26.64 5.73
CA SER D 31 -11.74 -25.23 5.76
C SER D 31 -10.44 -24.44 5.96
N ILE D 32 -10.44 -23.21 5.45
CA ILE D 32 -9.25 -22.37 5.59
C ILE D 32 -8.92 -22.18 7.06
N ILE D 33 -7.63 -22.34 7.38
CA ILE D 33 -7.09 -22.01 8.69
C ILE D 33 -5.92 -21.05 8.48
N SER D 34 -5.61 -20.29 9.52
CA SER D 34 -4.41 -19.48 9.49
C SER D 34 -3.18 -20.38 9.53
N SER D 35 -2.10 -19.92 8.91
CA SER D 35 -0.86 -20.70 8.90
C SER D 35 -0.27 -20.85 10.29
N ASN D 36 -0.70 -20.04 11.26
CA ASN D 36 -0.25 -20.20 12.63
C ASN D 36 -0.80 -21.44 13.30
N TYR D 37 -1.74 -22.15 12.67
CA TYR D 37 -2.47 -23.22 13.33
C TYR D 37 -2.19 -24.60 12.75
N LEU D 38 -1.28 -24.72 11.79
CA LEU D 38 -0.94 -26.02 11.22
C LEU D 38 0.45 -26.43 11.66
N HIS D 39 0.55 -27.60 12.28
CA HIS D 39 1.81 -28.11 12.82
C HIS D 39 2.06 -29.52 12.32
N TRP D 40 3.33 -29.92 12.39
CA TRP D 40 3.76 -31.23 11.96
C TRP D 40 4.45 -31.95 13.12
N TYR D 41 4.19 -33.26 13.21
CA TYR D 41 4.85 -34.11 14.19
C TYR D 41 5.45 -35.31 13.48
N SER D 42 6.47 -35.89 14.10
CA SER D 42 7.09 -37.12 13.61
C SER D 42 7.13 -38.13 14.75
N GLN D 43 7.04 -39.41 14.40
CA GLN D 43 7.00 -40.48 15.39
C GLN D 43 7.85 -41.64 14.90
N LYS D 44 9.06 -41.75 15.44
CA LYS D 44 9.86 -42.95 15.24
C LYS D 44 9.12 -44.14 15.85
N PRO D 45 9.05 -45.27 15.16
CA PRO D 45 8.37 -46.44 15.73
C PRO D 45 8.98 -46.84 17.07
N GLY D 46 8.10 -47.14 18.03
CA GLY D 46 8.51 -47.48 19.36
C GLY D 46 8.63 -46.30 20.32
N PHE D 47 8.36 -45.09 19.85
CA PHE D 47 8.44 -43.89 20.68
C PHE D 47 7.15 -43.09 20.52
N SER D 48 7.13 -41.93 21.16
CA SER D 48 5.99 -41.03 21.14
C SER D 48 6.19 -39.95 20.07
N PRO D 49 5.13 -39.23 19.71
CA PRO D 49 5.30 -38.13 18.76
C PRO D 49 6.11 -37.00 19.36
N LYS D 50 6.78 -36.25 18.49
CA LYS D 50 7.61 -35.11 18.88
C LYS D 50 7.34 -33.99 17.88
N LEU D 51 7.13 -32.78 18.40
CA LEU D 51 6.84 -31.65 17.52
C LEU D 51 7.98 -31.42 16.55
N LEU D 52 7.68 -31.39 15.26
CA LEU D 52 8.66 -31.22 14.20
C LEU D 52 8.59 -29.83 13.57
N ILE D 53 7.39 -29.39 13.19
CA ILE D 53 7.19 -28.07 12.59
C ILE D 53 5.91 -27.49 13.18
N TYR D 54 5.97 -26.24 13.60
CA TYR D 54 4.81 -25.55 14.14
C TYR D 54 4.61 -24.23 13.41
N ARG D 55 3.36 -23.82 13.28
CA ARG D 55 2.98 -22.63 12.53
C ARG D 55 3.46 -22.73 11.08
N THR D 56 3.22 -23.90 10.47
CA THR D 56 3.43 -24.18 9.05
C THR D 56 4.90 -24.33 8.68
N SER D 57 5.77 -23.41 9.11
CA SER D 57 7.13 -23.40 8.58
C SER D 57 8.24 -23.22 9.61
N ASN D 58 7.95 -23.20 10.90
CA ASN D 58 8.97 -22.97 11.92
C ASN D 58 9.44 -24.30 12.48
N LEU D 59 10.74 -24.56 12.35
CA LEU D 59 11.31 -25.82 12.86
C LEU D 59 11.37 -25.80 14.38
N ALA D 60 10.86 -26.86 14.99
CA ALA D 60 10.99 -27.01 16.44
C ALA D 60 12.46 -27.17 16.82
N SER D 61 12.76 -26.85 18.07
CA SER D 61 14.15 -26.89 18.54
C SER D 61 14.68 -28.31 18.50
N GLY D 62 15.85 -28.48 17.90
CA GLY D 62 16.43 -29.80 17.77
C GLY D 62 16.02 -30.54 16.51
N VAL D 63 15.53 -29.84 15.50
CA VAL D 63 15.12 -30.44 14.24
C VAL D 63 16.14 -30.03 13.17
N PRO D 64 16.65 -30.97 12.38
CA PRO D 64 17.74 -30.66 11.44
C PRO D 64 17.28 -29.72 10.34
N PRO D 65 18.22 -29.01 9.70
CA PRO D 65 17.84 -28.01 8.68
C PRO D 65 17.22 -28.61 7.42
N ARG D 66 17.34 -29.92 7.19
CA ARG D 66 16.82 -30.49 5.95
C ARG D 66 15.30 -30.55 5.93
N PHE D 67 14.64 -30.43 7.09
CA PHE D 67 13.20 -30.35 7.12
C PHE D 67 12.73 -28.94 6.81
N SER D 68 11.54 -28.84 6.22
CA SER D 68 11.02 -27.56 5.77
C SER D 68 9.50 -27.67 5.65
N GLY D 69 8.82 -26.58 5.97
CA GLY D 69 7.37 -26.54 5.90
C GLY D 69 6.90 -25.35 5.08
N SER D 70 5.75 -25.53 4.43
CA SER D 70 5.23 -24.51 3.54
C SER D 70 3.72 -24.68 3.42
N GLY D 71 3.08 -23.63 2.92
CA GLY D 71 1.65 -23.70 2.64
C GLY D 71 0.83 -22.54 3.17
N SER D 72 -0.45 -22.53 2.81
CA SER D 72 -1.40 -21.50 3.23
C SER D 72 -2.79 -22.01 2.92
N GLY D 73 -3.79 -21.27 3.39
CA GLY D 73 -5.17 -21.61 3.12
C GLY D 73 -5.57 -23.00 3.56
N THR D 74 -5.71 -23.91 2.60
CA THR D 74 -6.08 -25.29 2.90
C THR D 74 -5.02 -26.32 2.51
N SER D 75 -4.02 -25.95 1.71
CA SER D 75 -2.99 -26.87 1.26
C SER D 75 -1.67 -26.51 1.92
N TYR D 76 -1.12 -27.45 2.68
CA TYR D 76 0.19 -27.30 3.31
C TYR D 76 1.05 -28.51 2.96
N SER D 77 2.36 -28.34 3.05
CA SER D 77 3.27 -29.41 2.67
C SER D 77 4.49 -29.40 3.58
N LEU D 78 4.99 -30.61 3.85
CA LEU D 78 6.23 -30.82 4.58
C LEU D 78 7.20 -31.55 3.66
N THR D 79 8.40 -31.00 3.49
CA THR D 79 9.39 -31.57 2.62
C THR D 79 10.66 -31.87 3.39
N ILE D 80 11.23 -33.05 3.13
CA ILE D 80 12.53 -33.45 3.67
C ILE D 80 13.55 -33.26 2.56
N GLY D 81 14.46 -32.31 2.75
CA GLY D 81 15.33 -31.88 1.67
C GLY D 81 16.10 -33.02 1.03
N THR D 82 16.80 -33.80 1.85
CA THR D 82 17.42 -35.06 1.42
C THR D 82 17.21 -36.06 2.56
N MET D 83 16.48 -37.16 2.29
CA MET D 83 16.18 -38.13 3.34
C MET D 83 17.45 -38.78 3.86
N GLU D 84 17.54 -38.86 5.18
CA GLU D 84 18.50 -39.72 5.85
C GLU D 84 17.76 -40.95 6.37
N ALA D 85 18.53 -42.02 6.64
CA ALA D 85 17.93 -43.28 7.05
C ALA D 85 17.18 -43.15 8.36
N GLU D 86 17.62 -42.25 9.25
CA GLU D 86 16.94 -42.07 10.52
C GLU D 86 15.58 -41.42 10.36
N ASP D 87 15.35 -40.72 9.25
CA ASP D 87 14.06 -40.07 9.00
C ASP D 87 12.91 -41.04 8.80
N VAL D 88 13.16 -42.34 8.87
CA VAL D 88 12.10 -43.33 8.78
C VAL D 88 11.21 -43.22 10.02
N ALA D 89 9.96 -42.84 9.81
CA ALA D 89 8.97 -42.63 10.86
C ALA D 89 7.62 -42.42 10.18
N THR D 90 6.61 -42.06 10.96
CA THR D 90 5.32 -41.64 10.41
C THR D 90 5.09 -40.19 10.84
N TYR D 91 4.64 -39.37 9.89
CA TYR D 91 4.55 -37.93 10.09
C TYR D 91 3.09 -37.53 10.13
N TYR D 92 2.72 -36.72 11.12
CA TYR D 92 1.36 -36.24 11.28
C TYR D 92 1.32 -34.74 11.13
N CYS D 93 0.24 -34.24 10.55
CA CYS D 93 -0.08 -32.83 10.62
C CYS D 93 -1.30 -32.65 11.52
N GLN D 94 -1.37 -31.48 12.15
CA GLN D 94 -2.44 -31.17 13.09
C GLN D 94 -2.87 -29.73 12.88
N GLN D 95 -4.18 -29.50 12.90
CA GLN D 95 -4.71 -28.15 12.97
C GLN D 95 -5.06 -27.85 14.43
N GLY D 96 -4.60 -26.70 14.90
CA GLY D 96 -4.97 -26.20 16.21
C GLY D 96 -5.92 -25.03 16.17
N SER D 97 -6.52 -24.74 15.01
CA SER D 97 -7.35 -23.55 14.87
C SER D 97 -8.69 -23.73 15.57
N ASP D 98 -9.33 -24.88 15.38
CA ASP D 98 -10.71 -25.07 15.78
C ASP D 98 -10.83 -26.21 16.77
N ILE D 99 -11.78 -26.07 17.69
CA ILE D 99 -12.21 -27.18 18.53
C ILE D 99 -13.30 -27.93 17.76
N PRO D 100 -13.14 -29.23 17.52
CA PRO D 100 -12.11 -30.14 18.04
C PRO D 100 -10.78 -30.07 17.30
N LEU D 101 -9.68 -30.33 18.03
CA LEU D 101 -8.36 -30.44 17.42
C LEU D 101 -8.28 -31.77 16.68
N THR D 102 -7.96 -31.72 15.40
CA THR D 102 -7.97 -32.90 14.55
C THR D 102 -6.58 -33.17 13.99
N PHE D 103 -6.29 -34.46 13.81
CA PHE D 103 -5.01 -34.93 13.32
C PHE D 103 -5.19 -35.61 11.98
N GLY D 104 -4.21 -35.44 11.08
CA GLY D 104 -4.18 -36.24 9.89
C GLY D 104 -3.91 -37.71 10.20
N ASP D 105 -4.21 -38.57 9.23
CA ASP D 105 -4.02 -39.99 9.41
C ASP D 105 -2.55 -40.41 9.31
N GLY D 106 -1.66 -39.48 8.98
CA GLY D 106 -0.24 -39.78 9.01
C GLY D 106 0.30 -40.37 7.72
N THR D 107 1.49 -39.93 7.34
CA THR D 107 2.24 -40.51 6.23
C THR D 107 3.36 -41.36 6.80
N LYS D 108 3.37 -42.64 6.46
CA LYS D 108 4.39 -43.57 6.94
C LYS D 108 5.50 -43.63 5.89
N LEU D 109 6.67 -43.12 6.25
CA LEU D 109 7.81 -43.07 5.35
C LEU D 109 8.77 -44.20 5.70
N ASP D 110 9.03 -45.08 4.73
CA ASP D 110 9.87 -46.25 4.96
C ASP D 110 11.02 -46.32 3.96
N LEU D 111 11.71 -47.46 3.92
CA LEU D 111 12.90 -47.65 3.10
C LEU D 111 12.66 -48.73 2.05
N LYS D 112 13.65 -48.90 1.18
CA LYS D 112 13.59 -49.93 0.14
C LYS D 112 14.84 -50.79 0.14
N TYR D 117 20.33 -55.98 1.20
CA TYR D 117 21.76 -55.94 1.50
C TYR D 117 22.52 -55.18 0.41
N GLU D 118 22.09 -55.39 -0.84
CA GLU D 118 22.73 -54.74 -1.98
C GLU D 118 22.99 -53.27 -1.70
N PHE D 119 21.97 -52.55 -1.24
CA PHE D 119 22.09 -51.14 -0.97
C PHE D 119 22.67 -50.86 0.42
N LEU D 120 22.77 -51.88 1.28
CA LEU D 120 23.09 -51.63 2.69
C LEU D 120 24.54 -51.21 2.86
N LYS D 121 25.47 -51.92 2.23
CA LYS D 121 26.88 -51.56 2.31
C LYS D 121 27.20 -50.23 1.64
N SER D 122 26.28 -49.64 0.89
CA SER D 122 26.43 -48.23 0.54
C SER D 122 26.64 -47.37 1.78
N TRP D 123 26.12 -47.80 2.93
CA TRP D 123 25.99 -46.90 4.07
C TRP D 123 27.27 -46.78 4.88
N THR D 124 27.34 -45.67 5.61
CA THR D 124 28.28 -45.48 6.69
C THR D 124 28.17 -46.62 7.71
N VAL D 125 29.20 -46.76 8.52
CA VAL D 125 29.16 -47.75 9.61
C VAL D 125 28.18 -47.32 10.70
N GLU D 126 28.16 -46.02 11.05
CA GLU D 126 27.39 -45.59 12.21
C GLU D 126 25.89 -45.62 11.93
N ASP D 127 25.48 -45.43 10.67
CA ASP D 127 24.06 -45.48 10.34
C ASP D 127 23.54 -46.91 10.24
N LEU D 128 24.41 -47.86 9.88
CA LEU D 128 23.99 -49.26 9.98
C LEU D 128 23.67 -49.63 11.43
N GLN D 129 24.28 -48.96 12.41
CA GLN D 129 24.01 -49.33 13.81
C GLN D 129 22.99 -48.39 14.41
N LYS D 130 22.95 -47.16 13.91
CA LYS D 130 21.78 -46.37 14.23
C LYS D 130 20.53 -47.12 13.82
N ARG D 131 20.59 -47.81 12.69
CA ARG D 131 19.43 -48.56 12.21
C ARG D 131 19.13 -49.75 13.12
N LEU D 132 20.16 -50.48 13.55
CA LEU D 132 19.96 -51.54 14.53
C LEU D 132 19.27 -51.00 15.78
N LEU D 133 19.78 -49.90 16.33
CA LEU D 133 19.18 -49.29 17.50
C LEU D 133 17.74 -48.88 17.25
N ALA D 134 17.43 -48.45 16.01
CA ALA D 134 16.05 -48.09 15.69
C ALA D 134 15.15 -49.32 15.68
N LEU D 135 15.70 -50.47 15.29
CA LEU D 135 14.88 -51.67 15.11
C LEU D 135 14.39 -52.26 16.42
N ASP D 136 15.17 -52.12 17.50
CA ASP D 136 14.81 -52.80 18.74
C ASP D 136 13.54 -52.25 19.38
N PRO D 137 13.35 -50.93 19.53
CA PRO D 137 12.06 -50.45 20.05
C PRO D 137 10.89 -50.78 19.13
N MET D 138 11.13 -50.91 17.82
CA MET D 138 10.11 -51.46 16.93
C MET D 138 9.63 -52.81 17.45
N MET D 139 10.57 -53.71 17.72
CA MET D 139 10.24 -55.12 17.94
C MET D 139 9.46 -55.32 19.24
N GLU D 140 9.88 -54.68 20.33
CA GLU D 140 9.20 -54.89 21.59
C GLU D 140 7.86 -54.14 21.63
N GLN D 141 7.68 -53.14 20.77
CA GLN D 141 6.35 -52.55 20.59
C GLN D 141 5.37 -53.59 20.06
N GLU D 142 5.76 -54.31 19.00
CA GLU D 142 4.93 -55.38 18.48
C GLU D 142 4.76 -56.50 19.49
N ILE D 143 5.84 -56.82 20.22
CA ILE D 143 5.76 -57.89 21.22
C ILE D 143 4.79 -57.50 22.33
N GLU D 144 4.85 -56.25 22.81
CA GLU D 144 3.98 -55.85 23.92
C GLU D 144 2.56 -55.56 23.42
N GLU D 145 2.39 -55.22 22.15
CA GLU D 145 1.05 -55.22 21.58
C GLU D 145 0.41 -56.60 21.69
N ILE D 146 1.21 -57.66 21.49
CA ILE D 146 0.70 -59.02 21.60
C ILE D 146 0.23 -59.30 23.02
N ARG D 147 1.07 -58.99 24.00
CA ARG D 147 0.75 -59.30 25.40
C ARG D 147 -0.57 -58.65 25.81
N GLN D 148 -0.77 -57.38 25.44
CA GLN D 148 -2.03 -56.71 25.73
C GLN D 148 -3.20 -57.41 25.07
N LYS D 149 -3.04 -57.77 23.79
CA LYS D 149 -4.09 -58.50 23.09
C LYS D 149 -4.43 -59.80 23.82
N TYR D 150 -3.41 -60.50 24.32
CA TYR D 150 -3.67 -61.84 24.85
C TYR D 150 -4.29 -61.82 26.23
N GLN D 151 -3.98 -60.83 27.07
CA GLN D 151 -4.54 -60.77 28.40
C GLN D 151 -6.02 -60.36 28.38
N CYS D 152 -6.39 -59.48 27.45
CA CYS D 152 -7.80 -59.07 27.27
C CYS D 152 -8.64 -60.13 26.58
N LYS D 153 -8.02 -61.03 25.82
CA LYS D 153 -8.79 -62.16 25.30
C LYS D 153 -8.90 -63.25 26.35
N ARG D 154 -8.01 -63.25 27.35
CA ARG D 154 -8.19 -64.06 28.55
C ARG D 154 -9.52 -63.71 29.21
CA CA E . -3.34 36.18 -11.65
CA CA F . 3.74 29.95 -21.19
CA CA G . 17.17 26.67 -21.53
C1 NAG H . -11.48 23.11 10.19
C2 NAG H . -12.46 23.40 11.32
C3 NAG H . -13.00 24.82 11.19
C4 NAG H . -11.88 25.83 10.93
C5 NAG H . -10.83 25.32 9.94
C6 NAG H . -9.58 26.17 9.91
C7 NAG H . -14.01 21.84 12.44
C8 NAG H . -15.15 20.89 12.26
N2 NAG H . -13.55 22.43 11.33
O3 NAG H . -13.70 25.17 12.38
O4 NAG H . -12.45 27.01 10.37
O5 NAG H . -10.42 23.99 10.27
O6 NAG H . -8.54 25.58 10.69
O7 NAG H . -13.53 22.08 13.54
C1 NAG I . -12.08 17.00 -12.98
C2 NAG I . -13.46 17.17 -12.26
C3 NAG I . -14.33 18.25 -12.96
C4 NAG I . -13.52 19.43 -13.50
C5 NAG I . -12.25 18.96 -14.18
C6 NAG I . -11.36 20.07 -14.68
C7 NAG I . -15.08 15.50 -11.37
C8 NAG I . -15.37 16.44 -10.23
N2 NAG I . -14.16 15.90 -12.26
O3 NAG I . -15.30 18.76 -12.05
O4 NAG I . -14.30 20.12 -14.47
O5 NAG I . -11.50 18.23 -13.20
O6 NAG I . -10.19 19.54 -15.28
O7 NAG I . -15.64 14.41 -11.46
CA CA J . 0.34 8.69 17.58
MG MG K . -5.64 6.50 21.85
C1 NAG L . 5.16 -4.49 34.83
C2 NAG L . 5.58 -4.59 36.33
C3 NAG L . 6.25 -5.93 36.64
C4 NAG L . 5.44 -7.10 36.10
C5 NAG L . 5.32 -6.90 34.60
C6 NAG L . 4.61 -8.05 33.92
C7 NAG L . 6.24 -2.69 37.73
C8 NAG L . 7.26 -1.62 37.95
N2 NAG L . 6.45 -3.49 36.68
O3 NAG L . 6.38 -6.06 38.06
O4 NAG L . 6.09 -8.34 36.39
O5 NAG L . 4.53 -5.72 34.39
O6 NAG L . 5.32 -9.27 34.10
O7 NAG L . 5.27 -2.83 38.47
C1 NAG M . -11.48 -18.90 -1.60
C2 NAG M . -11.11 -20.20 -2.31
C3 NAG M . -10.01 -19.97 -3.35
C4 NAG M . -10.39 -18.83 -4.29
C5 NAG M . -10.74 -17.58 -3.49
C6 NAG M . -11.24 -16.45 -4.35
C7 NAG M . -11.57 -21.87 -0.55
C8 NAG M . -10.98 -22.88 0.37
N2 NAG M . -10.71 -21.23 -1.35
O3 NAG M . -9.78 -21.15 -4.10
O4 NAG M . -9.34 -18.54 -5.20
O5 NAG M . -11.79 -17.88 -2.57
O6 NAG M . -11.98 -15.53 -3.59
O7 NAG M . -12.77 -21.63 -0.57
C1 NAG N . -14.10 2.25 33.41
C2 NAG N . -15.05 3.12 34.25
C3 NAG N . -14.35 3.60 35.52
C4 NAG N . -13.93 2.39 36.33
C5 NAG N . -12.98 1.52 35.50
C6 NAG N . -12.60 0.23 36.19
C7 NAG N . -16.86 4.57 33.46
C8 NAG N . -17.75 3.73 34.32
N2 NAG N . -15.56 4.25 33.48
O3 NAG N . -15.24 4.41 36.28
O4 NAG N . -13.32 2.78 37.56
O5 NAG N . -13.59 1.15 34.24
O6 NAG N . -12.01 0.48 37.46
O7 NAG N . -17.29 5.50 32.79
C1 NAG O . -39.88 2.38 -8.77
C2 NAG O . -41.20 3.06 -8.41
C3 NAG O . -42.33 2.03 -8.45
C4 NAG O . -42.36 1.32 -9.80
C5 NAG O . -40.99 0.74 -10.12
C6 NAG O . -40.90 0.13 -11.50
C7 NAG O . -41.01 5.01 -6.94
C8 NAG O . -41.04 5.50 -5.52
N2 NAG O . -41.16 3.70 -7.11
O3 NAG O . -43.57 2.67 -8.17
O4 NAG O . -43.32 0.28 -9.76
O5 NAG O . -39.99 1.77 -10.06
O6 NAG O . -39.59 0.25 -12.04
O7 NAG O . -40.86 5.79 -7.88
#